data_8UOL
#
_entry.id   8UOL
#
_cell.length_a   51.150
_cell.length_b   94.880
_cell.length_c   68.760
_cell.angle_alpha   90.00
_cell.angle_beta   92.55
_cell.angle_gamma   90.00
#
_symmetry.space_group_name_H-M   'P 1 21 1'
#
loop_
_entity.id
_entity.type
_entity.pdbx_description
1 polymer 'MAP/microtubule affinity-regulating kinase 3'
2 non-polymer Narazaciclib
3 non-polymer 1,2-ETHANEDIOL
4 water water
#
_entity_poly.entity_id   1
_entity_poly.type   'polypeptide(L)'
_entity_poly.pdbx_seq_one_letter_code
;GAMGSDEQPHIGNYRLLKTLGKGNFAKVKRARHILTGREVAIKIIDKTQLNPTSLQKLFREVRIMKILNHPNIIKLFEVI
ETEKTLYLIMEYASKGEVYDYLVEHGRMKEKEARSKFRQIVSAVQYCHQKRIVHRDLKAENLLLDADMNIKIADFGFSNE
FTVGGKLDTFCGSPPYAAPELFQGKKYDGPEVDVWSLGVILYTLVSGSLPFDGQNLKELRERVLRGKYRIPFYMSTDCEN
LLKRFLVLNPIKRGTLEQIMKDRWINAGHEEDELKPFVEPELDISDQKRIDIMVGMGYSQEEIQESLSKMKYDEITATYL
LLGRKSSE
;
_entity_poly.pdbx_strand_id   A,B
#
loop_
_chem_comp.id
_chem_comp.type
_chem_comp.name
_chem_comp.formula
EDO non-polymer 1,2-ETHANEDIOL 'C2 H6 O2'
X4H non-polymer Narazaciclib 'C24 H27 N7 O'
#
# COMPACT_ATOMS: atom_id res chain seq x y z
N PRO A 9 6.76 -22.54 35.41
CA PRO A 9 7.75 -21.67 34.77
C PRO A 9 7.16 -20.34 34.33
N HIS A 10 8.05 -19.39 34.08
CA HIS A 10 7.64 -18.00 33.90
C HIS A 10 8.51 -17.34 32.86
N ILE A 11 8.06 -16.19 32.39
CA ILE A 11 8.90 -15.24 31.68
C ILE A 11 8.42 -13.86 32.09
N GLY A 12 9.35 -13.02 32.54
CA GLY A 12 8.95 -11.73 33.08
C GLY A 12 7.87 -11.91 34.13
N ASN A 13 6.80 -11.15 34.00
CA ASN A 13 5.70 -11.16 34.96
C ASN A 13 4.60 -12.16 34.59
N TYR A 14 4.92 -13.21 33.82
CA TYR A 14 3.90 -14.13 33.31
C TYR A 14 4.21 -15.56 33.72
N ARG A 15 3.18 -16.27 34.18
CA ARG A 15 3.25 -17.70 34.44
C ARG A 15 2.84 -18.42 33.15
N LEU A 16 3.74 -19.25 32.62
CA LEU A 16 3.49 -19.93 31.35
C LEU A 16 2.66 -21.18 31.57
N LEU A 17 1.61 -21.34 30.75
CA LEU A 17 0.69 -22.45 30.87
C LEU A 17 0.73 -23.32 29.61
N LYS A 18 -0.40 -23.82 29.13
CA LYS A 18 -0.36 -24.86 28.10
C LYS A 18 -0.06 -24.27 26.72
N THR A 19 0.60 -25.06 25.88
CA THR A 19 0.87 -24.61 24.53
C THR A 19 -0.41 -24.65 23.70
N LEU A 20 -0.69 -23.56 22.96
CA LEU A 20 -1.84 -23.48 22.08
C LEU A 20 -1.53 -23.94 20.67
N GLY A 21 -0.30 -23.73 20.22
CA GLY A 21 0.07 -24.17 18.90
C GLY A 21 1.57 -24.06 18.75
N LYS A 22 2.09 -24.79 17.77
CA LYS A 22 3.52 -24.87 17.58
C LYS A 22 3.76 -25.06 16.10
N GLY A 23 4.79 -24.43 15.59
CA GLY A 23 5.15 -24.71 14.22
C GLY A 23 6.12 -23.71 13.65
N ASN A 24 6.91 -24.15 12.68
CA ASN A 24 7.93 -23.32 12.06
C ASN A 24 8.87 -22.88 13.18
N PHE A 25 9.09 -21.58 13.38
CA PHE A 25 10.07 -21.10 14.33
C PHE A 25 9.42 -20.53 15.57
N ALA A 26 8.14 -20.83 15.77
CA ALA A 26 7.32 -20.19 16.79
C ALA A 26 6.51 -21.22 17.57
N LYS A 27 6.19 -20.84 18.80
CA LYS A 27 5.32 -21.58 19.69
C LYS A 27 4.45 -20.54 20.38
N VAL A 28 3.17 -20.84 20.58
CA VAL A 28 2.27 -19.94 21.28
C VAL A 28 1.70 -20.66 22.48
N LYS A 29 1.81 -20.04 23.65
CA LYS A 29 1.36 -20.61 24.91
C LYS A 29 0.34 -19.69 25.55
N ARG A 30 -0.69 -20.27 26.14
CA ARG A 30 -1.50 -19.53 27.09
C ARG A 30 -0.66 -19.23 28.34
N ALA A 31 -0.98 -18.13 29.01
CA ALA A 31 -0.19 -17.68 30.16
C ALA A 31 -1.08 -16.80 31.02
N ARG A 32 -0.64 -16.58 32.25
CA ARG A 32 -1.41 -15.77 33.20
C ARG A 32 -0.47 -14.70 33.73
N HIS A 33 -0.87 -13.45 33.56
CA HIS A 33 -0.11 -12.32 34.09
C HIS A 33 -0.15 -12.38 35.62
N ILE A 34 1.02 -12.41 36.27
CA ILE A 34 1.06 -12.58 37.72
C ILE A 34 0.50 -11.35 38.43
N LEU A 35 0.75 -10.16 37.88
CA LEU A 35 0.39 -8.93 38.57
C LEU A 35 -1.10 -8.71 38.61
N THR A 36 -1.81 -9.11 37.55
CA THR A 36 -3.23 -8.84 37.39
C THR A 36 -4.09 -10.08 37.32
N GLY A 37 -3.51 -11.26 37.13
CA GLY A 37 -4.30 -12.46 36.94
C GLY A 37 -4.92 -12.61 35.57
N ARG A 38 -4.76 -11.63 34.68
CA ARG A 38 -5.39 -11.72 33.37
C ARG A 38 -4.65 -12.71 32.46
N GLU A 39 -5.40 -13.42 31.64
CA GLU A 39 -4.81 -14.38 30.72
C GLU A 39 -4.35 -13.69 29.45
N VAL A 40 -3.30 -14.24 28.85
CA VAL A 40 -2.67 -13.70 27.65
C VAL A 40 -2.18 -14.86 26.81
N ALA A 41 -1.82 -14.57 25.57
CA ALA A 41 -1.18 -15.53 24.70
C ALA A 41 0.25 -15.05 24.47
N ILE A 42 1.21 -15.94 24.52
CA ILE A 42 2.61 -15.54 24.36
C ILE A 42 3.20 -16.32 23.20
N LYS A 43 3.66 -15.60 22.19
CA LYS A 43 4.38 -16.19 21.07
C LYS A 43 5.87 -16.22 21.42
N ILE A 44 6.48 -17.40 21.33
CA ILE A 44 7.86 -17.60 21.72
C ILE A 44 8.64 -17.97 20.48
N ILE A 45 9.64 -17.16 20.14
CA ILE A 45 10.44 -17.38 18.94
C ILE A 45 11.90 -17.51 19.34
N ASP A 46 12.46 -18.69 19.09
CA ASP A 46 13.86 -18.98 19.39
C ASP A 46 14.70 -18.31 18.31
N LYS A 47 15.39 -17.23 18.68
CA LYS A 47 16.17 -16.45 17.73
C LYS A 47 17.39 -17.20 17.21
N THR A 48 17.89 -18.19 17.95
CA THR A 48 19.05 -18.93 17.49
C THR A 48 18.74 -19.76 16.26
N GLN A 49 17.48 -19.98 15.95
CA GLN A 49 17.11 -20.76 14.79
C GLN A 49 16.89 -19.90 13.56
N LEU A 50 17.15 -18.59 13.65
CA LEU A 50 16.92 -17.64 12.57
C LEU A 50 18.24 -17.07 12.07
N ASN A 51 18.35 -16.89 10.75
CA ASN A 51 19.51 -16.22 10.17
C ASN A 51 19.34 -14.71 10.29
N PRO A 52 20.39 -13.92 10.04
CA PRO A 52 20.25 -12.46 10.18
C PRO A 52 19.14 -11.87 9.34
N THR A 53 18.89 -12.41 8.14
CA THR A 53 17.81 -11.93 7.30
C THR A 53 16.45 -12.13 7.97
N SER A 54 16.17 -13.36 8.44
CA SER A 54 14.91 -13.61 9.14
C SER A 54 14.79 -12.77 10.41
N LEU A 55 15.89 -12.61 11.14
CA LEU A 55 15.84 -11.79 12.35
C LEU A 55 15.41 -10.37 12.02
N GLN A 56 16.02 -9.76 11.00
CA GLN A 56 15.64 -8.41 10.62
C GLN A 56 14.18 -8.34 10.21
N LYS A 57 13.70 -9.33 9.45
CA LYS A 57 12.29 -9.33 9.04
C LYS A 57 11.37 -9.46 10.26
N LEU A 58 11.75 -10.32 11.21
CA LEU A 58 10.94 -10.48 12.42
C LEU A 58 10.76 -9.16 13.15
N PHE A 59 11.84 -8.40 13.30
CA PHE A 59 11.72 -7.17 14.07
C PHE A 59 10.95 -6.09 13.30
N ARG A 60 11.03 -6.06 11.97
CA ARG A 60 10.14 -5.19 11.18
C ARG A 60 8.69 -5.55 11.42
N GLU A 61 8.38 -6.85 11.47
CA GLU A 61 7.01 -7.27 11.65
C GLU A 61 6.53 -7.02 13.07
N VAL A 62 7.44 -7.10 14.06
CA VAL A 62 7.05 -6.73 15.42
C VAL A 62 6.69 -5.25 15.48
N ARG A 63 7.46 -4.40 14.78
CA ARG A 63 7.13 -2.99 14.73
C ARG A 63 5.78 -2.75 14.05
N ILE A 64 5.43 -3.56 13.06
CA ILE A 64 4.08 -3.49 12.48
C ILE A 64 3.04 -3.88 13.52
N MET A 65 3.30 -4.95 14.27
CA MET A 65 2.32 -5.39 15.24
C MET A 65 2.06 -4.29 16.28
N LYS A 66 3.09 -3.50 16.62
CA LYS A 66 2.89 -2.42 17.59
C LYS A 66 1.94 -1.33 17.09
N ILE A 67 1.65 -1.25 15.79
CA ILE A 67 0.75 -0.20 15.31
C ILE A 67 -0.67 -0.70 15.06
N LEU A 68 -0.94 -1.98 15.30
CA LEU A 68 -2.29 -2.52 15.15
C LEU A 68 -3.07 -2.28 16.44
N ASN A 69 -4.05 -1.39 16.38
CA ASN A 69 -4.83 -1.06 17.58
C ASN A 69 -6.29 -1.03 17.14
N HIS A 70 -6.88 -2.20 16.96
CA HIS A 70 -8.25 -2.38 16.49
C HIS A 70 -8.94 -3.41 17.38
N PRO A 71 -10.19 -3.18 17.79
CA PRO A 71 -10.82 -4.07 18.78
C PRO A 71 -11.05 -5.50 18.29
N ASN A 72 -10.82 -5.79 17.01
CA ASN A 72 -11.01 -7.13 16.49
C ASN A 72 -9.72 -7.70 15.91
N ILE A 73 -8.60 -7.09 16.26
CA ILE A 73 -7.28 -7.58 15.93
C ILE A 73 -6.56 -7.87 17.24
N ILE A 74 -6.00 -9.08 17.35
CA ILE A 74 -5.23 -9.47 18.54
C ILE A 74 -4.22 -8.37 18.89
N LYS A 75 -4.28 -7.86 20.12
CA LYS A 75 -3.53 -6.69 20.52
C LYS A 75 -2.22 -7.12 21.18
N LEU A 76 -1.12 -6.48 20.79
CA LEU A 76 0.16 -6.73 21.46
C LEU A 76 0.22 -5.93 22.74
N PHE A 77 0.61 -6.59 23.84
CA PHE A 77 0.75 -5.95 25.14
C PHE A 77 2.19 -5.67 25.51
N GLU A 78 3.09 -6.61 25.28
CA GLU A 78 4.41 -6.49 25.87
C GLU A 78 5.38 -7.27 25.00
N VAL A 79 6.61 -6.78 24.92
CA VAL A 79 7.70 -7.51 24.26
C VAL A 79 8.78 -7.77 25.30
N ILE A 80 9.23 -9.01 25.38
CA ILE A 80 10.39 -9.38 26.18
C ILE A 80 11.40 -10.03 25.24
N GLU A 81 12.62 -9.51 25.22
CA GLU A 81 13.67 -10.09 24.39
C GLU A 81 14.88 -10.41 25.25
N THR A 82 15.30 -11.67 25.21
CA THR A 82 16.55 -12.09 25.80
C THR A 82 17.56 -12.31 24.68
N GLU A 83 18.79 -12.69 25.04
CA GLU A 83 19.78 -12.90 23.98
C GLU A 83 19.31 -13.96 23.00
N LYS A 84 18.58 -14.98 23.46
CA LYS A 84 18.23 -16.12 22.62
C LYS A 84 16.77 -16.17 22.18
N THR A 85 15.87 -15.41 22.82
CA THR A 85 14.44 -15.62 22.61
C THR A 85 13.70 -14.29 22.52
N LEU A 86 12.69 -14.28 21.66
CA LEU A 86 11.75 -13.18 21.56
C LEU A 86 10.41 -13.66 22.10
N TYR A 87 9.84 -12.90 23.03
CA TYR A 87 8.54 -13.20 23.61
C TYR A 87 7.58 -12.08 23.26
N LEU A 88 6.48 -12.42 22.61
CA LEU A 88 5.47 -11.44 22.27
C LEU A 88 4.22 -11.74 23.10
N ILE A 89 3.88 -10.85 24.03
CA ILE A 89 2.75 -11.03 24.93
C ILE A 89 1.55 -10.31 24.34
N MET A 90 0.47 -11.06 24.07
CA MET A 90 -0.64 -10.48 23.35
C MET A 90 -1.95 -10.99 23.91
N GLU A 91 -3.02 -10.42 23.37
CA GLU A 91 -4.38 -10.79 23.72
C GLU A 91 -4.61 -12.28 23.52
N TYR A 92 -5.37 -12.87 24.44
CA TYR A 92 -5.81 -14.25 24.32
C TYR A 92 -7.29 -14.27 24.01
N ALA A 93 -7.68 -14.96 22.95
CA ALA A 93 -9.08 -15.11 22.56
C ALA A 93 -9.58 -16.42 23.14
N SER A 94 -10.35 -16.34 24.23
CA SER A 94 -10.54 -17.54 25.04
C SER A 94 -11.48 -18.57 24.42
N LYS A 95 -12.23 -18.21 23.39
CA LYS A 95 -13.15 -19.18 22.79
C LYS A 95 -12.55 -19.87 21.57
N GLY A 96 -11.29 -19.61 21.24
CA GLY A 96 -10.66 -20.34 20.14
C GLY A 96 -11.24 -19.94 18.79
N GLU A 97 -11.26 -20.89 17.86
CA GLU A 97 -11.62 -20.61 16.47
C GLU A 97 -13.12 -20.40 16.28
N VAL A 98 -13.46 -19.46 15.37
CA VAL A 98 -14.84 -19.35 14.89
C VAL A 98 -15.35 -20.70 14.42
N TYR A 99 -14.47 -21.48 13.78
CA TYR A 99 -14.83 -22.80 13.29
C TYR A 99 -15.41 -23.67 14.40
N ASP A 100 -14.81 -23.64 15.59
CA ASP A 100 -15.34 -24.43 16.71
C ASP A 100 -16.77 -24.01 17.06
N TYR A 101 -17.06 -22.72 16.96
CA TYR A 101 -18.42 -22.24 17.21
C TYR A 101 -19.38 -22.70 16.13
N LEU A 102 -18.93 -22.74 14.87
CA LEU A 102 -19.77 -23.26 13.79
C LEU A 102 -20.04 -24.75 13.96
N VAL A 103 -19.03 -25.52 14.39
CA VAL A 103 -19.21 -26.94 14.63
C VAL A 103 -20.26 -27.17 15.71
N GLU A 104 -20.18 -26.41 16.80
CA GLU A 104 -21.10 -26.63 17.92
C GLU A 104 -22.53 -26.24 17.55
N HIS A 105 -22.70 -25.07 16.96
CA HIS A 105 -24.02 -24.48 16.83
C HIS A 105 -24.59 -24.53 15.43
N GLY A 106 -23.80 -24.95 14.45
CA GLY A 106 -24.23 -24.90 13.07
C GLY A 106 -23.96 -23.54 12.49
N ARG A 107 -24.45 -23.34 11.29
CA ARG A 107 -24.29 -22.05 10.63
C ARG A 107 -24.84 -20.92 11.50
N MET A 108 -24.25 -19.75 11.38
CA MET A 108 -24.82 -18.58 12.03
C MET A 108 -26.06 -18.14 11.28
N LYS A 109 -27.09 -17.73 12.01
CA LYS A 109 -28.17 -16.98 11.38
C LYS A 109 -27.60 -15.71 10.78
N GLU A 110 -28.26 -15.19 9.73
CA GLU A 110 -27.68 -14.07 9.00
C GLU A 110 -27.47 -12.85 9.89
N LYS A 111 -28.32 -12.66 10.89
CA LYS A 111 -28.12 -11.53 11.80
C LYS A 111 -26.79 -11.66 12.56
N GLU A 112 -26.49 -12.87 13.06
CA GLU A 112 -25.23 -13.06 13.77
C GLU A 112 -24.05 -13.05 12.81
N ALA A 113 -24.21 -13.68 11.64
CA ALA A 113 -23.17 -13.63 10.63
C ALA A 113 -22.83 -12.19 10.27
N ARG A 114 -23.84 -11.34 10.11
CA ARG A 114 -23.62 -9.94 9.77
C ARG A 114 -22.86 -9.22 10.89
N SER A 115 -23.24 -9.47 12.14
CA SER A 115 -22.55 -8.82 13.25
C SER A 115 -21.08 -9.20 13.28
N LYS A 116 -20.76 -10.48 13.11
CA LYS A 116 -19.36 -10.87 13.13
C LYS A 116 -18.63 -10.40 11.86
N PHE A 117 -19.29 -10.47 10.71
CA PHE A 117 -18.61 -10.09 9.48
C PHE A 117 -18.33 -8.59 9.43
N ARG A 118 -19.20 -7.77 10.02
CA ARG A 118 -18.89 -6.34 10.14
C ARG A 118 -17.59 -6.13 10.93
N GLN A 119 -17.40 -6.88 12.02
CA GLN A 119 -16.14 -6.82 12.75
C GLN A 119 -14.97 -7.25 11.89
N ILE A 120 -15.13 -8.32 11.11
CA ILE A 120 -14.02 -8.81 10.30
C ILE A 120 -13.67 -7.80 9.23
N VAL A 121 -14.68 -7.27 8.54
CA VAL A 121 -14.44 -6.32 7.45
C VAL A 121 -13.78 -5.06 8.00
N SER A 122 -14.23 -4.60 9.16
CA SER A 122 -13.62 -3.43 9.79
C SER A 122 -12.14 -3.66 10.07
N ALA A 123 -11.82 -4.81 10.66
CA ALA A 123 -10.44 -5.13 11.02
C ALA A 123 -9.56 -5.16 9.78
N VAL A 124 -10.01 -5.84 8.72
CA VAL A 124 -9.17 -5.98 7.54
C VAL A 124 -9.02 -4.65 6.82
N GLN A 125 -10.09 -3.88 6.71
CA GLN A 125 -9.99 -2.57 6.06
C GLN A 125 -9.04 -1.67 6.83
N TYR A 126 -9.12 -1.74 8.16
CA TYR A 126 -8.24 -0.90 8.98
C TYR A 126 -6.78 -1.21 8.69
N CYS A 127 -6.43 -2.49 8.51
CA CYS A 127 -5.07 -2.85 8.16
C CYS A 127 -4.73 -2.42 6.74
N HIS A 128 -5.63 -2.67 5.79
CA HIS A 128 -5.36 -2.27 4.41
C HIS A 128 -5.09 -0.77 4.32
N GLN A 129 -5.80 0.03 5.10
CA GLN A 129 -5.58 1.47 5.08
C GLN A 129 -4.17 1.83 5.52
N LYS A 130 -3.58 1.01 6.39
CA LYS A 130 -2.21 1.17 6.85
C LYS A 130 -1.20 0.39 6.02
N ARG A 131 -1.62 -0.13 4.85
CA ARG A 131 -0.74 -0.86 3.92
C ARG A 131 -0.34 -2.23 4.44
N ILE A 132 -1.09 -2.78 5.39
CA ILE A 132 -0.81 -4.09 5.95
C ILE A 132 -1.83 -5.07 5.39
N VAL A 133 -1.34 -6.12 4.74
CA VAL A 133 -2.19 -7.15 4.14
C VAL A 133 -1.90 -8.46 4.87
N HIS A 134 -2.95 -9.19 5.24
CA HIS A 134 -2.74 -10.43 5.95
C HIS A 134 -2.10 -11.48 5.06
N ARG A 135 -2.76 -11.81 3.95
CA ARG A 135 -2.41 -12.79 2.93
C ARG A 135 -2.70 -14.23 3.35
N ASP A 136 -3.09 -14.50 4.60
CA ASP A 136 -3.30 -15.88 5.01
C ASP A 136 -4.46 -15.97 6.00
N LEU A 137 -5.54 -15.23 5.73
CA LEU A 137 -6.73 -15.36 6.57
C LEU A 137 -7.31 -16.74 6.38
N LYS A 138 -7.62 -17.42 7.48
CA LYS A 138 -8.03 -18.83 7.42
C LYS A 138 -8.73 -19.20 8.73
N ALA A 139 -9.21 -20.44 8.80
CA ALA A 139 -9.94 -20.85 9.99
C ALA A 139 -9.09 -20.68 11.24
N GLU A 140 -7.80 -20.97 11.13
CA GLU A 140 -6.96 -21.09 12.31
C GLU A 140 -6.63 -19.74 12.94
N ASN A 141 -6.82 -18.62 12.24
CA ASN A 141 -6.52 -17.33 12.85
C ASN A 141 -7.72 -16.41 12.95
N LEU A 142 -8.92 -16.94 12.72
CA LEU A 142 -10.18 -16.23 12.97
C LEU A 142 -10.73 -16.73 14.29
N LEU A 143 -10.58 -15.93 15.35
CA LEU A 143 -10.82 -16.35 16.72
C LEU A 143 -11.97 -15.57 17.35
N LEU A 144 -12.43 -16.07 18.49
CA LEU A 144 -13.49 -15.44 19.27
C LEU A 144 -13.00 -15.24 20.70
N ASP A 145 -13.26 -14.07 21.26
CA ASP A 145 -12.94 -13.89 22.67
C ASP A 145 -14.11 -14.33 23.54
N ALA A 146 -13.97 -14.10 24.84
CA ALA A 146 -14.95 -14.59 25.81
C ALA A 146 -16.32 -13.97 25.58
N ASP A 147 -16.38 -12.80 24.97
CA ASP A 147 -17.63 -12.10 24.70
C ASP A 147 -18.09 -12.28 23.26
N MET A 148 -17.57 -13.29 22.57
CA MET A 148 -17.94 -13.65 21.20
C MET A 148 -17.58 -12.55 20.19
N ASN A 149 -16.62 -11.69 20.53
CA ASN A 149 -16.09 -10.75 19.56
C ASN A 149 -14.99 -11.40 18.72
N ILE A 150 -14.99 -11.07 17.42
CA ILE A 150 -13.94 -11.54 16.53
C ILE A 150 -12.59 -11.02 16.99
N LYS A 151 -11.58 -11.88 16.95
CA LYS A 151 -10.18 -11.47 17.11
C LYS A 151 -9.38 -12.15 16.02
N ILE A 152 -8.74 -11.37 15.14
CA ILE A 152 -7.93 -11.95 14.06
C ILE A 152 -6.48 -11.98 14.50
N ALA A 153 -5.84 -13.12 14.35
CA ALA A 153 -4.43 -13.30 14.69
C ALA A 153 -3.53 -13.17 13.47
N ASP A 154 -2.29 -12.75 13.73
CA ASP A 154 -1.14 -12.82 12.83
C ASP A 154 -1.16 -11.83 11.67
N PHE A 155 -1.95 -10.76 11.76
CA PHE A 155 -1.81 -9.68 10.79
C PHE A 155 -0.36 -9.19 10.76
N GLY A 156 0.23 -9.16 9.57
CA GLY A 156 1.55 -8.61 9.40
C GLY A 156 2.70 -9.59 9.56
N PHE A 157 2.45 -10.82 10.00
CA PHE A 157 3.53 -11.78 10.24
C PHE A 157 3.67 -12.75 9.08
N SER A 158 4.90 -12.91 8.62
CA SER A 158 5.23 -13.94 7.64
C SER A 158 4.94 -15.31 8.22
N ASN A 159 4.64 -16.27 7.34
CA ASN A 159 4.15 -17.56 7.79
C ASN A 159 5.13 -18.27 8.71
N GLU A 160 6.44 -18.05 8.53
CA GLU A 160 7.40 -18.79 9.36
C GLU A 160 7.34 -18.37 10.82
N PHE A 161 6.76 -17.21 11.13
CA PHE A 161 6.60 -16.73 12.48
C PHE A 161 5.19 -16.97 13.03
N THR A 162 4.42 -17.83 12.38
CA THR A 162 3.11 -18.25 12.85
C THR A 162 3.16 -19.72 13.17
N VAL A 163 2.14 -20.22 13.88
CA VAL A 163 2.22 -21.64 14.22
C VAL A 163 1.68 -22.55 13.12
N GLY A 164 0.96 -22.01 12.14
CA GLY A 164 0.52 -22.79 10.99
C GLY A 164 -0.79 -23.54 11.18
N SER A 173 -3.62 -21.38 3.54
CA SER A 173 -4.64 -22.42 3.65
C SER A 173 -5.42 -22.50 2.35
N PRO A 174 -5.29 -23.63 1.66
CA PRO A 174 -5.81 -23.74 0.29
C PRO A 174 -7.27 -23.36 0.15
N PRO A 175 -8.18 -23.79 1.05
CA PRO A 175 -9.59 -23.38 0.89
C PRO A 175 -9.82 -21.87 0.88
N TYR A 176 -8.95 -21.08 1.49
CA TYR A 176 -9.12 -19.65 1.62
C TYR A 176 -8.24 -18.83 0.65
N ALA A 177 -7.29 -19.46 -0.04
CA ALA A 177 -6.30 -18.71 -0.79
C ALA A 177 -6.88 -18.18 -2.09
N ALA A 178 -6.61 -16.90 -2.38
CA ALA A 178 -7.07 -16.30 -3.64
C ALA A 178 -6.58 -17.12 -4.84
N PRO A 179 -7.37 -17.21 -5.91
CA PRO A 179 -6.94 -18.01 -7.06
C PRO A 179 -5.66 -17.52 -7.72
N GLU A 180 -5.24 -16.27 -7.47
CA GLU A 180 -3.99 -15.78 -8.04
C GLU A 180 -2.78 -16.26 -7.27
N LEU A 181 -2.97 -16.77 -6.05
CA LEU A 181 -1.91 -17.48 -5.37
C LEU A 181 -1.81 -18.93 -5.83
N PHE A 182 -2.85 -19.46 -6.49
CA PHE A 182 -2.91 -20.87 -6.87
C PHE A 182 -1.95 -21.22 -8.00
N TYR A 187 1.75 -11.86 -6.69
CA TYR A 187 0.56 -11.22 -6.13
C TYR A 187 0.62 -11.19 -4.61
N ASP A 188 0.63 -9.98 -4.04
CA ASP A 188 0.55 -9.88 -2.58
C ASP A 188 -0.22 -8.64 -2.13
N GLY A 189 -1.07 -8.07 -2.97
CA GLY A 189 -1.78 -6.84 -2.66
C GLY A 189 -3.07 -7.09 -1.90
N PRO A 190 -3.78 -6.01 -1.57
CA PRO A 190 -4.96 -6.15 -0.70
C PRO A 190 -6.06 -7.03 -1.27
N GLU A 191 -6.10 -7.21 -2.59
CA GLU A 191 -7.18 -8.00 -3.19
C GLU A 191 -7.16 -9.45 -2.74
N VAL A 192 -5.99 -9.99 -2.36
CA VAL A 192 -5.99 -11.38 -1.91
C VAL A 192 -6.75 -11.56 -0.60
N ASP A 193 -6.74 -10.56 0.28
CA ASP A 193 -7.56 -10.67 1.49
C ASP A 193 -9.05 -10.59 1.16
N VAL A 194 -9.41 -9.82 0.13
CA VAL A 194 -10.82 -9.68 -0.22
C VAL A 194 -11.39 -11.02 -0.66
N TRP A 195 -10.63 -11.80 -1.42
CA TRP A 195 -11.11 -13.14 -1.78
C TRP A 195 -11.32 -13.98 -0.53
N SER A 196 -10.32 -14.02 0.36
CA SER A 196 -10.46 -14.80 1.58
C SER A 196 -11.67 -14.35 2.40
N LEU A 197 -11.99 -13.06 2.37
CA LEU A 197 -13.16 -12.60 3.10
C LEU A 197 -14.44 -13.21 2.55
N GLY A 198 -14.52 -13.39 1.23
CA GLY A 198 -15.69 -14.05 0.68
C GLY A 198 -15.83 -15.49 1.14
N VAL A 199 -14.73 -16.21 1.21
CA VAL A 199 -14.77 -17.57 1.75
C VAL A 199 -15.25 -17.53 3.19
N ILE A 200 -14.70 -16.60 3.98
CA ILE A 200 -15.11 -16.50 5.38
C ILE A 200 -16.60 -16.24 5.48
N LEU A 201 -17.10 -15.25 4.74
CA LEU A 201 -18.53 -14.96 4.76
C LEU A 201 -19.35 -16.21 4.45
N TYR A 202 -18.96 -16.95 3.40
CA TYR A 202 -19.70 -18.16 3.04
C TYR A 202 -19.68 -19.18 4.18
N THR A 203 -18.53 -19.33 4.87
CA THR A 203 -18.49 -20.28 5.98
C THR A 203 -19.42 -19.85 7.11
N LEU A 204 -19.52 -18.54 7.35
CA LEU A 204 -20.36 -18.05 8.45
C LEU A 204 -21.83 -18.36 8.20
N VAL A 205 -22.29 -18.15 6.97
CA VAL A 205 -23.70 -18.24 6.65
C VAL A 205 -24.12 -19.68 6.35
N SER A 206 -23.22 -20.50 5.85
CA SER A 206 -23.58 -21.87 5.51
C SER A 206 -22.95 -22.93 6.41
N GLY A 207 -21.92 -22.59 7.18
CA GLY A 207 -21.20 -23.63 7.91
C GLY A 207 -20.33 -24.52 7.06
N SER A 208 -20.17 -24.22 5.78
CA SER A 208 -19.39 -25.03 4.85
C SER A 208 -18.41 -24.15 4.08
N LEU A 209 -17.35 -24.77 3.57
CA LEU A 209 -16.43 -24.12 2.66
C LEU A 209 -17.06 -24.03 1.27
N PRO A 210 -16.90 -22.90 0.57
CA PRO A 210 -17.48 -22.81 -0.78
C PRO A 210 -16.75 -23.68 -1.79
N PHE A 211 -15.44 -23.86 -1.63
CA PHE A 211 -14.63 -24.66 -2.54
C PHE A 211 -13.93 -25.75 -1.76
N ASP A 212 -14.13 -27.00 -2.17
CA ASP A 212 -13.49 -28.12 -1.51
C ASP A 212 -13.12 -29.14 -2.58
N GLY A 213 -12.46 -30.20 -2.16
CA GLY A 213 -12.14 -31.25 -3.12
C GLY A 213 -11.60 -32.46 -2.38
N GLN A 214 -11.48 -33.55 -3.13
CA GLN A 214 -10.89 -34.76 -2.57
C GLN A 214 -9.38 -34.66 -2.46
N ASN A 215 -8.78 -33.71 -3.17
CA ASN A 215 -7.36 -33.39 -3.03
C ASN A 215 -7.15 -31.96 -3.49
N LEU A 216 -5.89 -31.53 -3.50
CA LEU A 216 -5.56 -30.15 -3.82
C LEU A 216 -5.83 -29.82 -5.28
N LYS A 217 -5.61 -30.76 -6.19
CA LYS A 217 -5.85 -30.47 -7.61
C LYS A 217 -7.33 -30.25 -7.88
N GLU A 218 -8.20 -31.05 -7.28
CA GLU A 218 -9.63 -30.83 -7.47
C GLU A 218 -10.09 -29.55 -6.79
N LEU A 219 -9.57 -29.27 -5.59
CA LEU A 219 -9.87 -27.99 -4.95
C LEU A 219 -9.52 -26.84 -5.88
N ARG A 220 -8.33 -26.91 -6.51
CA ARG A 220 -7.89 -25.82 -7.38
C ARG A 220 -8.82 -25.67 -8.57
N GLU A 221 -9.23 -26.77 -9.18
CA GLU A 221 -10.13 -26.69 -10.32
C GLU A 221 -11.44 -26.00 -9.93
N ARG A 222 -11.95 -26.29 -8.74
CA ARG A 222 -13.22 -25.68 -8.34
C ARG A 222 -13.02 -24.20 -8.01
N VAL A 223 -11.90 -23.84 -7.39
CA VAL A 223 -11.64 -22.43 -7.11
C VAL A 223 -11.50 -21.65 -8.41
N LEU A 224 -10.84 -22.23 -9.42
CA LEU A 224 -10.67 -21.55 -10.70
C LEU A 224 -11.98 -21.49 -11.46
N ARG A 225 -12.88 -22.45 -11.23
CA ARG A 225 -14.21 -22.39 -11.85
C ARG A 225 -15.06 -21.30 -11.21
N GLY A 226 -14.85 -21.02 -9.92
CA GLY A 226 -15.47 -19.90 -9.25
C GLY A 226 -16.91 -20.12 -8.82
N LYS A 227 -17.48 -21.29 -9.04
CA LYS A 227 -18.88 -21.55 -8.74
C LYS A 227 -19.02 -22.24 -7.38
N TYR A 228 -20.05 -21.84 -6.65
CA TYR A 228 -20.28 -22.33 -5.30
C TYR A 228 -21.78 -22.38 -5.07
N ARG A 229 -22.21 -23.25 -4.16
CA ARG A 229 -23.62 -23.56 -4.04
C ARG A 229 -24.31 -22.53 -3.16
N ILE A 230 -25.48 -22.05 -3.61
CA ILE A 230 -26.29 -21.10 -2.84
C ILE A 230 -27.40 -21.90 -2.15
N PRO A 231 -27.37 -22.06 -0.83
CA PRO A 231 -28.42 -22.84 -0.16
C PRO A 231 -29.74 -22.09 -0.11
N PHE A 232 -30.84 -22.85 0.03
CA PHE A 232 -32.16 -22.28 0.00
C PHE A 232 -32.34 -21.15 1.03
N TYR A 233 -31.65 -21.23 2.16
CA TYR A 233 -31.83 -20.26 3.23
C TYR A 233 -31.02 -18.99 3.03
N MET A 234 -30.16 -18.92 2.02
CA MET A 234 -29.34 -17.72 1.79
C MET A 234 -30.12 -16.65 1.04
N SER A 235 -30.15 -15.43 1.59
CA SER A 235 -30.91 -14.35 0.96
C SER A 235 -30.23 -13.92 -0.35
N THR A 236 -31.02 -13.31 -1.25
CA THR A 236 -30.43 -12.77 -2.48
C THR A 236 -29.40 -11.68 -2.17
N ASP A 237 -29.67 -10.88 -1.12
CA ASP A 237 -28.69 -9.86 -0.73
C ASP A 237 -27.37 -10.47 -0.27
N CYS A 238 -27.42 -11.56 0.48
CA CYS A 238 -26.19 -12.25 0.86
C CYS A 238 -25.50 -12.84 -0.36
N GLU A 239 -26.28 -13.39 -1.29
CA GLU A 239 -25.71 -13.91 -2.52
C GLU A 239 -25.01 -12.82 -3.32
N ASN A 240 -25.67 -11.67 -3.48
CA ASN A 240 -25.05 -10.57 -4.23
C ASN A 240 -23.78 -10.10 -3.54
N LEU A 241 -23.77 -10.09 -2.21
CA LEU A 241 -22.57 -9.65 -1.51
C LEU A 241 -21.40 -10.59 -1.78
N LEU A 242 -21.65 -11.91 -1.71
CA LEU A 242 -20.59 -12.88 -2.02
C LEU A 242 -19.98 -12.63 -3.39
N LYS A 243 -20.81 -12.23 -4.36
CA LYS A 243 -20.30 -11.96 -5.70
C LYS A 243 -19.31 -10.81 -5.73
N ARG A 244 -19.31 -9.96 -4.70
CA ARG A 244 -18.37 -8.84 -4.69
C ARG A 244 -16.99 -9.27 -4.23
N PHE A 245 -16.91 -10.33 -3.43
CA PHE A 245 -15.63 -10.88 -2.98
C PHE A 245 -15.09 -11.95 -3.92
N LEU A 246 -15.93 -12.91 -4.30
CA LEU A 246 -15.46 -14.12 -4.99
C LEU A 246 -15.45 -13.92 -6.50
N VAL A 247 -14.65 -12.96 -6.94
CA VAL A 247 -14.41 -12.69 -8.36
C VAL A 247 -13.02 -13.20 -8.71
N LEU A 248 -12.90 -13.93 -9.81
CA LEU A 248 -11.63 -14.52 -10.18
C LEU A 248 -10.59 -13.45 -10.48
N ASN A 249 -10.95 -12.50 -11.32
CA ASN A 249 -10.03 -11.40 -11.64
C ASN A 249 -9.83 -10.50 -10.42
N PRO A 250 -8.62 -10.42 -9.85
CA PRO A 250 -8.44 -9.67 -8.61
C PRO A 250 -8.84 -8.21 -8.71
N ILE A 251 -8.70 -7.63 -9.91
CA ILE A 251 -8.97 -6.20 -10.05
C ILE A 251 -10.47 -5.91 -10.15
N LYS A 252 -11.29 -6.94 -10.41
CA LYS A 252 -12.73 -6.78 -10.45
C LYS A 252 -13.39 -7.02 -9.09
N ARG A 253 -12.64 -7.45 -8.08
CA ARG A 253 -13.22 -7.57 -6.76
C ARG A 253 -13.58 -6.19 -6.23
N GLY A 254 -14.61 -6.12 -5.40
CA GLY A 254 -14.90 -4.87 -4.72
C GLY A 254 -13.77 -4.50 -3.77
N THR A 255 -13.61 -3.20 -3.54
CA THR A 255 -12.75 -2.74 -2.47
C THR A 255 -13.53 -2.79 -1.17
N LEU A 256 -12.82 -2.94 -0.05
CA LEU A 256 -13.51 -3.03 1.23
C LEU A 256 -14.25 -1.72 1.53
N GLU A 257 -13.67 -0.58 1.15
CA GLU A 257 -14.37 0.68 1.33
C GLU A 257 -15.68 0.71 0.55
N GLN A 258 -15.73 0.05 -0.60
CA GLN A 258 -16.98 -0.06 -1.35
C GLN A 258 -17.91 -1.10 -0.73
N ILE A 259 -17.36 -2.26 -0.35
CA ILE A 259 -18.18 -3.30 0.25
C ILE A 259 -18.80 -2.84 1.56
N MET A 260 -18.14 -1.92 2.27
CA MET A 260 -18.69 -1.42 3.52
C MET A 260 -20.05 -0.77 3.34
N LYS A 261 -20.38 -0.36 2.11
CA LYS A 261 -21.66 0.27 1.81
C LYS A 261 -22.70 -0.72 1.30
N ASP A 262 -22.37 -2.01 1.27
CA ASP A 262 -23.27 -3.01 0.73
C ASP A 262 -24.56 -3.11 1.53
N ARG A 263 -25.66 -3.39 0.82
CA ARG A 263 -26.97 -3.46 1.45
C ARG A 263 -27.03 -4.55 2.52
N TRP A 264 -26.49 -5.73 2.23
CA TRP A 264 -26.53 -6.81 3.23
C TRP A 264 -25.71 -6.46 4.46
N ILE A 265 -24.54 -5.84 4.26
CA ILE A 265 -23.67 -5.48 5.38
C ILE A 265 -24.37 -4.54 6.35
N ASN A 266 -25.25 -3.68 5.84
CA ASN A 266 -25.86 -2.64 6.65
C ASN A 266 -27.33 -2.88 6.93
N ALA A 267 -27.86 -4.06 6.59
CA ALA A 267 -29.24 -4.37 6.92
C ALA A 267 -29.42 -4.34 8.44
N GLY A 268 -30.32 -3.50 8.91
CA GLY A 268 -30.47 -3.28 10.33
C GLY A 268 -29.57 -2.22 10.92
N HIS A 269 -28.63 -1.68 10.14
CA HIS A 269 -27.81 -0.58 10.65
C HIS A 269 -28.10 0.70 9.88
N GLU A 270 -29.37 1.13 9.91
CA GLU A 270 -29.83 2.17 8.98
C GLU A 270 -29.00 3.44 9.10
N GLU A 271 -28.82 3.95 10.31
CA GLU A 271 -28.00 5.13 10.53
C GLU A 271 -26.69 4.76 11.24
N ASP A 272 -26.15 3.61 10.87
CA ASP A 272 -24.92 3.07 11.43
C ASP A 272 -24.16 2.34 10.32
N GLU A 273 -24.08 2.97 9.15
CA GLU A 273 -23.36 2.39 8.02
C GLU A 273 -21.94 2.02 8.42
N LEU A 274 -21.49 0.83 8.01
CA LEU A 274 -20.12 0.44 8.30
C LEU A 274 -19.16 1.40 7.58
N LYS A 275 -18.18 1.91 8.31
CA LYS A 275 -17.21 2.83 7.74
C LYS A 275 -15.85 2.50 8.30
N PRO A 276 -14.77 2.95 7.64
CA PRO A 276 -13.41 2.69 8.14
C PRO A 276 -13.28 3.07 9.61
N PHE A 277 -12.59 2.21 10.36
CA PHE A 277 -12.39 2.42 11.78
C PHE A 277 -11.53 3.65 12.04
N VAL A 278 -11.89 4.39 13.07
CA VAL A 278 -11.09 5.53 13.56
C VAL A 278 -10.65 5.20 14.99
N GLU A 279 -9.33 5.17 15.21
CA GLU A 279 -8.77 4.83 16.51
C GLU A 279 -9.14 5.86 17.57
N PRO A 280 -9.78 5.47 18.67
CA PRO A 280 -10.00 6.40 19.77
C PRO A 280 -8.68 6.76 20.43
N GLU A 281 -8.65 7.92 21.06
CA GLU A 281 -7.48 8.30 21.85
C GLU A 281 -7.38 7.41 23.08
N LEU A 282 -6.17 6.92 23.36
CA LEU A 282 -5.98 6.04 24.51
C LEU A 282 -5.92 6.88 25.79
N ASP A 283 -6.81 6.58 26.73
CA ASP A 283 -6.82 7.23 28.04
C ASP A 283 -5.70 6.63 28.88
N ILE A 284 -4.63 7.39 29.11
CA ILE A 284 -3.52 6.90 29.90
C ILE A 284 -3.49 7.57 31.28
N SER A 285 -4.60 8.15 31.72
CA SER A 285 -4.63 8.85 33.00
C SER A 285 -5.70 8.30 33.95
N ASP A 286 -6.05 7.03 33.81
CA ASP A 286 -7.01 6.39 34.71
C ASP A 286 -6.34 6.22 36.07
N GLN A 287 -6.73 7.05 37.04
CA GLN A 287 -6.02 7.05 38.32
C GLN A 287 -6.33 5.80 39.14
N LYS A 288 -7.49 5.18 38.92
CA LYS A 288 -7.77 3.92 39.59
C LYS A 288 -6.74 2.88 39.21
N ARG A 289 -6.49 2.72 37.91
CA ARG A 289 -5.46 1.79 37.47
C ARG A 289 -4.07 2.25 37.90
N ILE A 290 -3.80 3.56 37.85
CA ILE A 290 -2.50 4.04 38.29
C ILE A 290 -2.30 3.77 39.78
N ASP A 291 -3.35 3.96 40.57
CA ASP A 291 -3.25 3.69 42.00
C ASP A 291 -2.91 2.23 42.26
N ILE A 292 -3.51 1.31 41.49
CA ILE A 292 -3.21 -0.11 41.64
C ILE A 292 -1.75 -0.40 41.32
N MET A 293 -1.25 0.18 40.23
CA MET A 293 0.13 -0.07 39.83
C MET A 293 1.15 0.58 40.77
N VAL A 294 0.79 1.69 41.40
CA VAL A 294 1.64 2.23 42.46
C VAL A 294 1.71 1.25 43.61
N GLY A 295 0.58 0.60 43.91
CA GLY A 295 0.58 -0.43 44.93
C GLY A 295 1.46 -1.60 44.55
N MET A 296 1.55 -1.89 43.25
CA MET A 296 2.40 -2.96 42.77
C MET A 296 3.88 -2.63 42.86
N GLY A 297 4.22 -1.37 43.09
CA GLY A 297 5.62 -0.96 43.21
C GLY A 297 6.13 -0.05 42.11
N TYR A 298 5.33 0.28 41.10
CA TYR A 298 5.73 1.23 40.07
C TYR A 298 5.45 2.65 40.54
N SER A 299 6.29 3.58 40.13
CA SER A 299 6.06 4.96 40.51
C SER A 299 5.13 5.64 39.50
N GLN A 300 4.40 6.64 39.99
CA GLN A 300 3.50 7.40 39.12
C GLN A 300 4.24 7.95 37.91
N GLU A 301 5.46 8.46 38.13
CA GLU A 301 6.21 9.07 37.04
C GLU A 301 6.64 8.03 36.02
N GLU A 302 7.14 6.90 36.49
CA GLU A 302 7.50 5.79 35.62
C GLU A 302 6.32 5.36 34.77
N ILE A 303 5.15 5.24 35.40
CA ILE A 303 3.96 4.80 34.68
C ILE A 303 3.64 5.79 33.56
N GLN A 304 3.64 7.09 33.87
CA GLN A 304 3.30 8.08 32.87
C GLN A 304 4.31 8.11 31.73
N GLU A 305 5.59 7.89 32.03
CA GLU A 305 6.60 7.86 30.98
C GLU A 305 6.39 6.66 30.06
N SER A 306 6.19 5.46 30.63
CA SER A 306 5.95 4.28 29.81
C SER A 306 4.71 4.43 28.93
N LEU A 307 3.62 4.94 29.50
CA LEU A 307 2.38 5.05 28.74
C LEU A 307 2.47 6.13 27.66
N SER A 308 2.98 7.31 28.00
CA SER A 308 3.06 8.38 27.01
C SER A 308 3.99 8.02 25.86
N LYS A 309 5.06 7.28 26.14
CA LYS A 309 5.99 6.86 25.09
C LYS A 309 5.59 5.53 24.46
N MET A 310 4.55 4.87 25.00
CA MET A 310 4.04 3.58 24.54
C MET A 310 5.17 2.56 24.35
N LYS A 311 5.79 2.22 25.47
CA LYS A 311 7.04 1.45 25.46
C LYS A 311 6.82 -0.05 25.28
N TYR A 312 5.58 -0.53 25.27
CA TYR A 312 5.29 -1.97 25.21
C TYR A 312 6.12 -2.75 26.23
N ASP A 313 6.12 -2.26 27.46
CA ASP A 313 6.94 -2.82 28.53
C ASP A 313 6.04 -3.36 29.64
N GLU A 314 6.66 -3.74 30.77
CA GLU A 314 5.88 -4.39 31.83
C GLU A 314 4.82 -3.44 32.36
N ILE A 315 5.05 -2.14 32.25
CA ILE A 315 4.12 -1.14 32.78
C ILE A 315 2.94 -0.95 31.83
N THR A 316 3.19 -0.74 30.54
CA THR A 316 2.06 -0.53 29.64
C THR A 316 1.18 -1.78 29.56
N ALA A 317 1.81 -2.96 29.57
CA ALA A 317 1.06 -4.21 29.60
C ALA A 317 0.13 -4.26 30.81
N THR A 318 0.65 -3.94 32.00
CA THR A 318 -0.15 -4.01 33.21
C THR A 318 -1.32 -3.04 33.14
N TYR A 319 -1.06 -1.81 32.70
CA TYR A 319 -2.12 -0.81 32.61
C TYR A 319 -3.22 -1.29 31.67
N LEU A 320 -2.85 -1.82 30.51
CA LEU A 320 -3.85 -2.31 29.58
C LEU A 320 -4.59 -3.52 30.15
N LEU A 321 -3.87 -4.46 30.77
CA LEU A 321 -4.53 -5.64 31.31
C LEU A 321 -5.45 -5.32 32.47
N LEU A 322 -5.14 -4.28 33.26
CA LEU A 322 -6.08 -3.85 34.30
C LEU A 322 -7.39 -3.33 33.73
N GLY A 323 -7.45 -3.05 32.43
CA GLY A 323 -8.70 -2.64 31.82
C GLY A 323 -9.58 -3.78 31.33
N ARG A 324 -9.14 -5.03 31.48
CA ARG A 324 -9.88 -6.22 31.05
CA ARG A 324 -9.89 -6.21 31.04
C ARG A 324 -10.45 -6.96 32.25
N LYS A 325 -11.40 -7.86 31.97
CA LYS A 325 -12.08 -8.61 33.02
C LYS A 325 -11.11 -9.54 33.76
N SER A 326 -11.32 -9.67 35.07
CA SER A 326 -10.47 -10.50 35.92
C SER A 326 -10.72 -11.99 35.69
N SER A 327 -9.67 -12.79 35.93
CA SER A 327 -9.72 -14.25 35.94
C SER A 327 -10.03 -14.83 34.56
N GLU A 328 -9.76 -14.07 33.50
CA GLU A 328 -9.97 -14.57 32.15
C GLU A 328 -9.04 -13.80 31.21
N GLN B 8 8.31 7.27 -42.76
CA GLN B 8 7.87 7.17 -41.37
C GLN B 8 6.60 6.32 -41.28
N PRO B 9 6.66 5.23 -40.52
CA PRO B 9 5.49 4.36 -40.41
C PRO B 9 4.42 5.00 -39.53
N HIS B 10 3.20 4.48 -39.68
CA HIS B 10 2.08 4.90 -38.85
C HIS B 10 1.77 3.82 -37.82
N ILE B 11 1.33 4.23 -36.65
CA ILE B 11 0.49 3.36 -35.83
C ILE B 11 -0.74 4.17 -35.44
N GLY B 12 -1.91 3.61 -35.70
CA GLY B 12 -3.10 4.42 -35.48
C GLY B 12 -3.02 5.72 -36.24
N ASN B 13 -3.39 6.81 -35.57
CA ASN B 13 -3.35 8.14 -36.15
C ASN B 13 -2.02 8.87 -35.89
N TYR B 14 -0.90 8.15 -35.78
CA TYR B 14 0.38 8.74 -35.39
C TYR B 14 1.46 8.37 -36.38
N ARG B 15 2.31 9.35 -36.71
CA ARG B 15 3.48 9.15 -37.53
C ARG B 15 4.65 8.94 -36.58
N LEU B 16 5.33 7.80 -36.72
CA LEU B 16 6.42 7.45 -35.81
C LEU B 16 7.73 8.10 -36.24
N LEU B 17 8.44 8.68 -35.27
CA LEU B 17 9.67 9.42 -35.54
C LEU B 17 10.80 8.75 -34.76
N LYS B 18 11.76 9.51 -34.26
CA LYS B 18 12.96 8.92 -33.69
C LYS B 18 12.68 8.13 -32.41
N THR B 19 13.50 7.10 -32.20
CA THR B 19 13.48 6.33 -30.97
C THR B 19 14.15 7.15 -29.86
N LEU B 20 13.46 7.30 -28.74
CA LEU B 20 13.99 8.00 -27.59
C LEU B 20 14.69 7.07 -26.61
N GLY B 21 14.25 5.83 -26.50
CA GLY B 21 14.87 4.87 -25.59
C GLY B 21 14.34 3.48 -25.85
N LYS B 22 15.12 2.51 -25.42
CA LYS B 22 14.74 1.11 -25.54
C LYS B 22 15.44 0.33 -24.44
N GLY B 23 14.68 -0.49 -23.74
CA GLY B 23 15.24 -1.37 -22.73
C GLY B 23 14.15 -2.28 -22.25
N ASN B 24 14.57 -3.39 -21.63
CA ASN B 24 13.61 -4.35 -21.06
C ASN B 24 12.59 -4.70 -22.15
N PHE B 25 11.29 -4.66 -21.87
CA PHE B 25 10.30 -5.06 -22.83
C PHE B 25 9.72 -3.88 -23.59
N ALA B 26 10.31 -2.69 -23.45
CA ALA B 26 9.70 -1.47 -23.97
C ALA B 26 10.61 -0.77 -24.97
N LYS B 27 9.98 0.01 -25.85
CA LYS B 27 10.66 0.95 -26.70
C LYS B 27 9.82 2.22 -26.71
N VAL B 28 10.45 3.37 -26.63
CA VAL B 28 9.73 4.64 -26.61
C VAL B 28 10.16 5.46 -27.82
N LYS B 29 9.20 5.87 -28.61
CA LYS B 29 9.46 6.66 -29.82
C LYS B 29 8.78 8.01 -29.70
N ARG B 30 9.44 9.03 -30.23
CA ARG B 30 8.77 10.28 -30.52
C ARG B 30 7.82 10.06 -31.70
N ALA B 31 6.67 10.73 -31.69
CA ALA B 31 5.70 10.61 -32.77
C ALA B 31 4.95 11.92 -32.91
N ARG B 32 4.20 12.03 -34.01
CA ARG B 32 3.37 13.19 -34.29
C ARG B 32 1.96 12.70 -34.59
N HIS B 33 0.98 13.27 -33.91
CA HIS B 33 -0.43 12.97 -34.18
C HIS B 33 -0.80 13.52 -35.54
N ILE B 34 -1.28 12.66 -36.44
CA ILE B 34 -1.62 13.13 -37.78
C ILE B 34 -2.80 14.10 -37.73
N LEU B 35 -3.76 13.84 -36.85
CA LEU B 35 -5.00 14.60 -36.86
C LEU B 35 -4.80 16.03 -36.38
N THR B 36 -3.91 16.26 -35.39
CA THR B 36 -3.71 17.57 -34.82
C THR B 36 -2.31 18.13 -34.96
N GLY B 37 -1.35 17.34 -35.44
CA GLY B 37 0.02 17.80 -35.52
C GLY B 37 0.79 17.84 -34.21
N ARG B 38 0.16 17.46 -33.10
CA ARG B 38 0.82 17.53 -31.79
C ARG B 38 1.85 16.41 -31.64
N GLU B 39 2.99 16.73 -31.02
CA GLU B 39 3.98 15.71 -30.71
C GLU B 39 3.57 14.92 -29.47
N VAL B 40 3.95 13.65 -29.46
CA VAL B 40 3.62 12.71 -28.39
C VAL B 40 4.78 11.75 -28.25
N ALA B 41 4.78 10.99 -27.17
CA ALA B 41 5.69 9.88 -27.01
C ALA B 41 4.88 8.59 -27.01
N ILE B 42 5.41 7.55 -27.64
CA ILE B 42 4.69 6.29 -27.75
C ILE B 42 5.54 5.19 -27.16
N LYS B 43 5.05 4.55 -26.12
CA LYS B 43 5.69 3.35 -25.60
C LYS B 43 5.14 2.13 -26.31
N ILE B 44 6.03 1.27 -26.77
CA ILE B 44 5.70 0.10 -27.58
C ILE B 44 6.15 -1.14 -26.81
N ILE B 45 5.20 -2.03 -26.52
CA ILE B 45 5.50 -3.27 -25.82
C ILE B 45 4.93 -4.42 -26.63
N ASP B 46 5.81 -5.35 -27.07
CA ASP B 46 5.38 -6.54 -27.77
C ASP B 46 4.83 -7.51 -26.74
N LYS B 47 3.54 -7.79 -26.83
CA LYS B 47 2.91 -8.69 -25.87
C LYS B 47 3.42 -10.11 -26.02
N THR B 48 3.90 -10.49 -27.20
CA THR B 48 4.45 -11.83 -27.36
C THR B 48 5.75 -12.02 -26.58
N GLN B 49 6.37 -10.96 -26.09
CA GLN B 49 7.50 -11.11 -25.18
C GLN B 49 7.08 -11.57 -23.78
N LEU B 50 5.78 -11.52 -23.46
CA LEU B 50 5.30 -11.65 -22.09
C LEU B 50 4.60 -12.99 -21.87
N ASN B 51 4.55 -13.41 -20.61
CA ASN B 51 3.77 -14.57 -20.21
C ASN B 51 2.37 -14.12 -19.79
N PRO B 52 1.44 -15.06 -19.54
CA PRO B 52 0.10 -14.61 -19.10
C PRO B 52 0.12 -13.82 -17.80
N THR B 53 1.13 -14.01 -16.96
CA THR B 53 1.19 -13.30 -15.69
C THR B 53 1.66 -11.86 -15.88
N SER B 54 2.77 -11.65 -16.58
CA SER B 54 3.25 -10.29 -16.79
C SER B 54 2.30 -9.50 -17.69
N LEU B 55 1.58 -10.19 -18.57
CA LEU B 55 0.59 -9.49 -19.39
C LEU B 55 -0.55 -8.95 -18.54
N GLN B 56 -1.02 -9.73 -17.56
CA GLN B 56 -2.04 -9.23 -16.66
C GLN B 56 -1.53 -8.07 -15.81
N LYS B 57 -0.28 -8.15 -15.31
CA LYS B 57 0.29 -7.04 -14.55
C LYS B 57 0.43 -5.80 -15.42
N LEU B 58 0.84 -5.97 -16.68
CA LEU B 58 0.94 -4.81 -17.57
C LEU B 58 -0.41 -4.10 -17.70
N PHE B 59 -1.48 -4.86 -17.86
CA PHE B 59 -2.79 -4.23 -17.96
C PHE B 59 -3.22 -3.60 -16.65
N ARG B 60 -2.83 -4.15 -15.51
CA ARG B 60 -3.13 -3.47 -14.24
C ARG B 60 -2.40 -2.14 -14.15
N GLU B 61 -1.15 -2.09 -14.59
CA GLU B 61 -0.40 -0.85 -14.48
C GLU B 61 -0.87 0.19 -15.50
N VAL B 62 -1.38 -0.25 -16.65
CA VAL B 62 -2.00 0.70 -17.57
C VAL B 62 -3.26 1.31 -16.97
N ARG B 63 -4.03 0.51 -16.24
CA ARG B 63 -5.22 1.04 -15.57
C ARG B 63 -4.86 2.10 -14.54
N ILE B 64 -3.73 1.92 -13.86
CA ILE B 64 -3.24 2.96 -12.96
C ILE B 64 -2.83 4.19 -13.75
N MET B 65 -2.11 3.99 -14.86
CA MET B 65 -1.66 5.14 -15.65
C MET B 65 -2.85 5.98 -16.08
N LYS B 66 -3.99 5.36 -16.36
CA LYS B 66 -5.20 6.08 -16.76
C LYS B 66 -5.69 7.07 -15.71
N ILE B 67 -5.37 6.88 -14.42
CA ILE B 67 -5.89 7.80 -13.41
C ILE B 67 -4.88 8.85 -12.97
N LEU B 68 -3.67 8.81 -13.50
CA LEU B 68 -2.66 9.87 -13.27
C LEU B 68 -3.01 11.10 -14.08
N ASN B 69 -3.47 12.16 -13.42
CA ASN B 69 -3.84 13.40 -14.11
C ASN B 69 -3.27 14.56 -13.27
N HIS B 70 -1.99 14.84 -13.48
CA HIS B 70 -1.22 15.84 -12.71
C HIS B 70 -0.33 16.58 -13.71
N PRO B 71 -0.26 17.91 -13.63
CA PRO B 71 0.52 18.67 -14.64
C PRO B 71 2.02 18.36 -14.65
N ASN B 72 2.56 17.66 -13.65
CA ASN B 72 3.97 17.29 -13.66
C ASN B 72 4.19 15.79 -13.75
N ILE B 73 3.17 15.07 -14.23
CA ILE B 73 3.24 13.63 -14.46
C ILE B 73 2.87 13.39 -15.92
N ILE B 74 3.74 12.67 -16.64
CA ILE B 74 3.48 12.36 -18.05
C ILE B 74 2.06 11.81 -18.20
N LYS B 75 1.24 12.48 -19.02
CA LYS B 75 -0.17 12.17 -19.16
C LYS B 75 -0.39 11.15 -20.27
N LEU B 76 -1.16 10.10 -19.99
CA LEU B 76 -1.58 9.15 -21.01
C LEU B 76 -2.67 9.76 -21.90
N PHE B 77 -2.51 9.65 -23.22
CA PHE B 77 -3.51 10.14 -24.18
C PHE B 77 -4.33 9.03 -24.83
N GLU B 78 -3.70 7.92 -25.23
CA GLU B 78 -4.40 6.92 -26.02
C GLU B 78 -3.73 5.58 -25.81
N VAL B 79 -4.55 4.54 -25.83
CA VAL B 79 -4.09 3.17 -25.78
C VAL B 79 -4.51 2.51 -27.08
N ILE B 80 -3.56 1.86 -27.74
CA ILE B 80 -3.86 1.07 -28.93
C ILE B 80 -3.36 -0.33 -28.67
N GLU B 81 -4.26 -1.30 -28.66
CA GLU B 81 -3.87 -2.69 -28.43
C GLU B 81 -4.19 -3.48 -29.68
N THR B 82 -3.18 -4.10 -30.25
CA THR B 82 -3.39 -5.05 -31.32
C THR B 82 -3.18 -6.46 -30.78
N GLU B 83 -3.30 -7.45 -31.66
CA GLU B 83 -3.14 -8.81 -31.22
C GLU B 83 -1.72 -9.05 -30.69
N LYS B 84 -0.73 -8.40 -31.27
CA LYS B 84 0.66 -8.63 -30.87
C LYS B 84 1.27 -7.52 -30.03
N THR B 85 0.79 -6.29 -30.11
CA THR B 85 1.50 -5.15 -29.53
C THR B 85 0.59 -4.27 -28.71
N LEU B 86 1.14 -3.70 -27.64
CA LEU B 86 0.48 -2.63 -26.89
C LEU B 86 1.21 -1.33 -27.17
N TYR B 87 0.44 -0.29 -27.51
CA TYR B 87 0.98 1.05 -27.74
C TYR B 87 0.36 2.00 -26.73
N LEU B 88 1.20 2.70 -25.98
CA LEU B 88 0.75 3.70 -25.02
C LEU B 88 1.17 5.07 -25.55
N ILE B 89 0.20 5.89 -25.94
CA ILE B 89 0.49 7.21 -26.51
C ILE B 89 0.38 8.22 -25.39
N MET B 90 1.45 8.98 -25.15
CA MET B 90 1.49 9.83 -23.97
C MET B 90 2.22 11.14 -24.25
N GLU B 91 2.23 11.98 -23.23
CA GLU B 91 2.87 13.28 -23.32
C GLU B 91 4.34 13.15 -23.63
N TYR B 92 4.83 14.03 -24.48
CA TYR B 92 6.24 14.14 -24.85
C TYR B 92 6.87 15.31 -24.13
N ALA B 93 7.98 15.06 -23.45
CA ALA B 93 8.72 16.09 -22.72
C ALA B 93 9.90 16.50 -23.60
N SER B 94 9.77 17.65 -24.27
CA SER B 94 10.66 17.92 -25.40
C SER B 94 12.09 18.30 -24.98
N LYS B 95 12.32 18.64 -23.72
CA LYS B 95 13.66 19.01 -23.32
C LYS B 95 14.40 17.86 -22.65
N GLY B 96 13.81 16.68 -22.59
CA GLY B 96 14.56 15.53 -22.14
C GLY B 96 14.77 15.56 -20.63
N GLU B 97 15.88 14.98 -20.21
CA GLU B 97 16.12 14.77 -18.78
C GLU B 97 16.55 16.05 -18.10
N VAL B 98 16.11 16.21 -16.84
CA VAL B 98 16.65 17.29 -16.02
C VAL B 98 18.18 17.22 -16.03
N TYR B 99 18.73 16.01 -16.02
CA TYR B 99 20.18 15.86 -16.06
C TYR B 99 20.82 16.67 -17.18
N ASP B 100 20.22 16.65 -18.37
CA ASP B 100 20.81 17.36 -19.50
C ASP B 100 20.84 18.86 -19.26
N TYR B 101 19.80 19.39 -18.59
CA TYR B 101 19.78 20.79 -18.20
C TYR B 101 20.88 21.10 -17.19
N LEU B 102 21.07 20.24 -16.19
CA LEU B 102 22.15 20.44 -15.24
C LEU B 102 23.52 20.42 -15.93
N VAL B 103 23.72 19.53 -16.90
CA VAL B 103 25.00 19.50 -17.62
C VAL B 103 25.25 20.82 -18.32
N GLU B 104 24.21 21.35 -18.98
CA GLU B 104 24.38 22.51 -19.84
C GLU B 104 24.55 23.80 -19.02
N HIS B 105 23.81 23.93 -17.92
CA HIS B 105 23.79 25.18 -17.17
C HIS B 105 24.39 25.07 -15.78
N GLY B 106 24.77 23.88 -15.32
CA GLY B 106 25.28 23.74 -13.97
C GLY B 106 24.13 23.63 -12.99
N ARG B 107 24.48 23.68 -11.70
CA ARG B 107 23.46 23.55 -10.67
C ARG B 107 22.38 24.61 -10.83
N MET B 108 21.17 24.29 -10.41
CA MET B 108 20.13 25.30 -10.41
C MET B 108 20.35 26.24 -9.24
N LYS B 109 20.15 27.53 -9.49
CA LYS B 109 20.13 28.43 -8.35
C LYS B 109 18.91 28.12 -7.48
N GLU B 110 18.98 28.60 -6.24
CA GLU B 110 18.05 28.13 -5.21
C GLU B 110 16.60 28.38 -5.60
N LYS B 111 16.30 29.54 -6.16
CA LYS B 111 14.92 29.83 -6.56
C LYS B 111 14.43 28.83 -7.59
N GLU B 112 15.26 28.55 -8.58
CA GLU B 112 14.82 27.64 -9.64
C GLU B 112 14.73 26.21 -9.13
N ALA B 113 15.69 25.77 -8.30
CA ALA B 113 15.60 24.44 -7.72
C ALA B 113 14.31 24.30 -6.93
N ARG B 114 13.99 25.32 -6.12
CA ARG B 114 12.76 25.29 -5.34
C ARG B 114 11.55 25.17 -6.25
N SER B 115 11.49 25.97 -7.31
CA SER B 115 10.36 25.91 -8.23
C SER B 115 10.17 24.50 -8.79
N LYS B 116 11.24 23.88 -9.28
CA LYS B 116 11.12 22.53 -9.82
C LYS B 116 10.83 21.52 -8.71
N PHE B 117 11.48 21.66 -7.55
CA PHE B 117 11.28 20.66 -6.52
C PHE B 117 9.85 20.71 -5.97
N ARG B 118 9.21 21.88 -5.98
CA ARG B 118 7.80 21.93 -5.59
C ARG B 118 6.93 21.11 -6.54
N GLN B 119 7.20 21.22 -7.83
CA GLN B 119 6.51 20.40 -8.83
C GLN B 119 6.73 18.93 -8.59
N ILE B 120 7.99 18.53 -8.32
CA ILE B 120 8.29 17.12 -8.09
C ILE B 120 7.58 16.61 -6.85
N VAL B 121 7.70 17.35 -5.73
CA VAL B 121 7.04 16.93 -4.49
C VAL B 121 5.53 16.84 -4.70
N SER B 122 4.95 17.82 -5.40
CA SER B 122 3.51 17.79 -5.66
C SER B 122 3.12 16.54 -6.44
N ALA B 123 3.88 16.22 -7.49
CA ALA B 123 3.58 15.03 -8.29
C ALA B 123 3.65 13.76 -7.45
N VAL B 124 4.70 13.63 -6.65
CA VAL B 124 4.89 12.39 -5.89
C VAL B 124 3.85 12.27 -4.79
N GLN B 125 3.54 13.38 -4.09
CA GLN B 125 2.51 13.35 -3.04
C GLN B 125 1.15 13.01 -3.64
N TYR B 126 0.86 13.54 -4.83
CA TYR B 126 -0.39 13.23 -5.50
C TYR B 126 -0.51 11.73 -5.74
N CYS B 127 0.57 11.09 -6.18
CA CYS B 127 0.53 9.65 -6.36
C CYS B 127 0.44 8.91 -5.03
N HIS B 128 1.21 9.35 -4.01
CA HIS B 128 1.16 8.63 -2.74
C HIS B 128 -0.24 8.64 -2.15
N GLN B 129 -0.94 9.75 -2.31
CA GLN B 129 -2.30 9.85 -1.78
C GLN B 129 -3.25 8.89 -2.47
N LYS B 130 -3.00 8.62 -3.75
CA LYS B 130 -3.72 7.60 -4.49
C LYS B 130 -3.15 6.21 -4.28
N ARG B 131 -2.20 6.08 -3.35
CA ARG B 131 -1.56 4.80 -3.00
C ARG B 131 -0.76 4.24 -4.17
N ILE B 132 -0.09 5.12 -4.90
CA ILE B 132 0.78 4.75 -6.01
C ILE B 132 2.19 5.19 -5.66
N VAL B 133 3.11 4.24 -5.62
CA VAL B 133 4.52 4.51 -5.29
C VAL B 133 5.34 4.29 -6.55
N HIS B 134 6.29 5.19 -6.82
CA HIS B 134 7.10 5.02 -8.02
C HIS B 134 8.11 3.91 -7.85
N ARG B 135 8.92 3.98 -6.79
CA ARG B 135 9.97 3.03 -6.40
C ARG B 135 11.26 3.17 -7.20
N ASP B 136 11.25 3.85 -8.34
CA ASP B 136 12.48 3.97 -9.12
C ASP B 136 12.62 5.38 -9.71
N LEU B 137 12.36 6.40 -8.89
CA LEU B 137 12.66 7.77 -9.33
C LEU B 137 14.16 7.91 -9.56
N LYS B 138 14.53 8.49 -10.70
CA LYS B 138 15.94 8.54 -11.09
C LYS B 138 16.12 9.58 -12.18
N ALA B 139 17.38 9.77 -12.60
CA ALA B 139 17.65 10.78 -13.61
C ALA B 139 16.86 10.50 -14.89
N GLU B 140 16.76 9.23 -15.28
CA GLU B 140 16.22 8.90 -16.59
C GLU B 140 14.74 9.21 -16.72
N ASN B 141 14.01 9.36 -15.63
CA ASN B 141 12.57 9.58 -15.72
C ASN B 141 12.12 10.89 -15.07
N LEU B 142 13.06 11.79 -14.78
CA LEU B 142 12.77 13.17 -14.39
C LEU B 142 13.03 14.04 -15.61
N LEU B 143 11.96 14.49 -16.27
CA LEU B 143 12.02 15.12 -17.59
C LEU B 143 11.53 16.57 -17.51
N LEU B 144 11.75 17.30 -18.61
CA LEU B 144 11.37 18.71 -18.72
C LEU B 144 10.65 18.94 -20.04
N ASP B 145 9.57 19.71 -19.99
CA ASP B 145 8.85 20.02 -21.21
C ASP B 145 9.40 21.32 -21.79
N ALA B 146 8.81 21.77 -22.89
CA ALA B 146 9.33 22.93 -23.61
C ALA B 146 9.30 24.20 -22.77
N ASP B 147 8.47 24.25 -21.73
CA ASP B 147 8.38 25.39 -20.84
C ASP B 147 9.16 25.18 -19.54
N MET B 148 10.07 24.20 -19.52
CA MET B 148 10.89 23.88 -18.36
C MET B 148 10.05 23.42 -17.14
N ASN B 149 8.87 22.85 -17.38
CA ASN B 149 8.11 22.23 -16.30
C ASN B 149 8.55 20.78 -16.15
N ILE B 150 8.59 20.31 -14.90
CA ILE B 150 8.89 18.92 -14.62
C ILE B 150 7.82 17.99 -15.19
N LYS B 151 8.26 16.88 -15.77
CA LYS B 151 7.35 15.80 -16.15
C LYS B 151 8.00 14.51 -15.70
N ILE B 152 7.35 13.79 -14.78
CA ILE B 152 7.89 12.54 -14.30
C ILE B 152 7.29 11.40 -15.11
N ALA B 153 8.15 10.51 -15.59
CA ALA B 153 7.72 9.34 -16.35
C ALA B 153 7.64 8.08 -15.49
N ASP B 154 6.77 7.16 -15.89
CA ASP B 154 6.76 5.76 -15.46
C ASP B 154 6.25 5.54 -14.05
N PHE B 155 5.50 6.49 -13.48
CA PHE B 155 4.80 6.21 -12.24
C PHE B 155 3.91 4.97 -12.39
N GLY B 156 4.01 4.06 -11.42
CA GLY B 156 3.16 2.89 -11.39
C GLY B 156 3.57 1.76 -12.31
N PHE B 157 4.68 1.88 -13.04
CA PHE B 157 5.10 0.82 -13.93
C PHE B 157 6.25 0.04 -13.32
N SER B 158 6.17 -1.28 -13.42
CA SER B 158 7.29 -2.14 -13.06
C SER B 158 8.45 -1.91 -14.02
N ASN B 159 9.67 -2.16 -13.53
CA ASN B 159 10.87 -1.83 -14.28
C ASN B 159 10.86 -2.48 -15.66
N GLU B 160 10.38 -3.72 -15.76
CA GLU B 160 10.45 -4.43 -17.02
C GLU B 160 9.59 -3.80 -18.13
N PHE B 161 8.70 -2.87 -17.78
CA PHE B 161 7.90 -2.15 -18.77
C PHE B 161 8.41 -0.74 -19.01
N THR B 162 9.61 -0.43 -18.55
CA THR B 162 10.23 0.86 -18.74
C THR B 162 11.51 0.66 -19.53
N VAL B 163 12.00 1.75 -20.14
CA VAL B 163 13.21 1.61 -20.93
C VAL B 163 14.44 1.82 -20.08
N GLY B 172 16.60 0.08 -7.66
CA GLY B 172 16.61 0.64 -9.00
C GLY B 172 17.42 1.93 -9.12
N SER B 173 18.43 1.91 -10.00
CA SER B 173 19.46 2.93 -10.13
C SER B 173 20.11 3.19 -8.78
N PRO B 174 21.32 2.66 -8.58
CA PRO B 174 21.95 2.70 -7.24
C PRO B 174 22.01 4.08 -6.64
N PRO B 175 22.33 5.16 -7.39
CA PRO B 175 22.51 6.46 -6.71
C PRO B 175 21.25 7.02 -6.09
N TYR B 176 20.07 6.58 -6.54
CA TYR B 176 18.79 7.09 -6.07
C TYR B 176 18.03 6.12 -5.17
N ALA B 177 18.51 4.90 -4.99
CA ALA B 177 17.77 3.86 -4.28
C ALA B 177 18.00 3.96 -2.79
N ALA B 178 16.90 3.91 -2.02
CA ALA B 178 16.94 3.97 -0.57
C ALA B 178 17.87 2.91 -0.02
N PRO B 179 18.49 3.11 1.14
CA PRO B 179 19.48 2.14 1.63
C PRO B 179 18.89 0.79 1.98
N GLU B 180 17.56 0.69 2.17
CA GLU B 180 16.94 -0.57 2.55
C GLU B 180 16.86 -1.53 1.38
N LEU B 181 16.86 -1.03 0.15
CA LEU B 181 16.88 -1.89 -1.01
C LEU B 181 18.25 -2.51 -1.24
N PHE B 182 19.31 -1.95 -0.67
CA PHE B 182 20.64 -2.54 -0.74
C PHE B 182 20.72 -3.74 0.20
N TYR B 187 10.55 -3.82 0.57
CA TYR B 187 10.10 -2.45 0.82
C TYR B 187 9.58 -1.82 -0.46
N ASP B 188 8.31 -1.41 -0.43
CA ASP B 188 7.67 -0.76 -1.58
C ASP B 188 6.71 0.33 -1.12
N GLY B 189 6.89 0.86 0.09
CA GLY B 189 6.04 1.91 0.59
C GLY B 189 6.55 3.28 0.18
N PRO B 190 5.79 4.31 0.51
CA PRO B 190 6.19 5.66 0.06
C PRO B 190 7.56 6.06 0.55
N GLU B 191 8.03 5.50 1.67
CA GLU B 191 9.32 5.89 2.24
C GLU B 191 10.47 5.82 1.23
N VAL B 192 10.41 4.85 0.31
CA VAL B 192 11.51 4.73 -0.65
C VAL B 192 11.51 5.91 -1.62
N ASP B 193 10.33 6.41 -2.01
CA ASP B 193 10.29 7.61 -2.84
C ASP B 193 10.81 8.82 -2.10
N VAL B 194 10.52 8.90 -0.80
CA VAL B 194 10.97 10.03 0.00
C VAL B 194 12.48 10.10 0.01
N TRP B 195 13.14 8.96 0.22
CA TRP B 195 14.60 8.93 0.12
C TRP B 195 15.07 9.41 -1.26
N SER B 196 14.49 8.89 -2.34
CA SER B 196 14.93 9.31 -3.67
C SER B 196 14.74 10.80 -3.87
N LEU B 197 13.62 11.34 -3.36
CA LEU B 197 13.39 12.78 -3.48
C LEU B 197 14.52 13.56 -2.83
N GLY B 198 15.10 13.04 -1.76
CA GLY B 198 16.25 13.69 -1.16
C GLY B 198 17.45 13.71 -2.09
N VAL B 199 17.75 12.56 -2.71
CA VAL B 199 18.82 12.53 -3.70
C VAL B 199 18.52 13.50 -4.83
N ILE B 200 17.26 13.56 -5.28
CA ILE B 200 16.88 14.47 -6.37
C ILE B 200 17.13 15.93 -5.98
N LEU B 201 16.69 16.31 -4.77
CA LEU B 201 16.91 17.68 -4.32
C LEU B 201 18.39 18.01 -4.29
N TYR B 202 19.22 17.08 -3.82
CA TYR B 202 20.66 17.34 -3.80
C TYR B 202 21.19 17.58 -5.21
N THR B 203 20.72 16.82 -6.21
CA THR B 203 21.22 17.01 -7.58
C THR B 203 20.78 18.36 -8.14
N LEU B 204 19.56 18.79 -7.84
CA LEU B 204 19.13 20.09 -8.36
C LEU B 204 19.97 21.22 -7.80
N VAL B 205 20.29 21.17 -6.50
CA VAL B 205 20.96 22.28 -5.84
C VAL B 205 22.47 22.26 -6.11
N SER B 206 23.05 21.08 -6.31
CA SER B 206 24.48 20.97 -6.48
C SER B 206 24.93 20.57 -7.87
N GLY B 207 24.05 19.98 -8.68
CA GLY B 207 24.46 19.40 -9.94
C GLY B 207 25.15 18.06 -9.85
N SER B 208 25.37 17.55 -8.64
CA SER B 208 26.07 16.29 -8.41
C SER B 208 25.20 15.32 -7.61
N LEU B 209 25.56 14.06 -7.67
CA LEU B 209 24.92 13.05 -6.82
C LEU B 209 25.50 13.13 -5.41
N PRO B 210 24.68 12.93 -4.38
CA PRO B 210 25.24 12.95 -3.00
C PRO B 210 26.06 11.73 -2.69
N PHE B 211 25.71 10.57 -3.24
CA PHE B 211 26.42 9.33 -2.99
C PHE B 211 26.89 8.76 -4.33
N ASP B 212 28.19 8.49 -4.43
CA ASP B 212 28.79 8.01 -5.68
C ASP B 212 29.99 7.16 -5.29
N GLY B 213 30.62 6.53 -6.28
CA GLY B 213 31.80 5.73 -6.00
C GLY B 213 32.41 5.23 -7.30
N GLN B 214 33.60 4.66 -7.16
CA GLN B 214 34.28 4.05 -8.30
C GLN B 214 33.68 2.71 -8.71
N ASN B 215 32.76 2.15 -7.92
CA ASN B 215 32.01 0.96 -8.29
C ASN B 215 30.80 0.84 -7.38
N LEU B 216 29.94 -0.15 -7.68
CA LEU B 216 28.69 -0.31 -6.93
C LEU B 216 28.95 -0.60 -5.46
N LYS B 217 30.03 -1.32 -5.13
CA LYS B 217 30.33 -1.61 -3.74
C LYS B 217 30.57 -0.32 -2.96
N GLU B 218 31.43 0.56 -3.48
CA GLU B 218 31.74 1.79 -2.75
C GLU B 218 30.52 2.69 -2.68
N LEU B 219 29.75 2.77 -3.76
CA LEU B 219 28.53 3.58 -3.75
C LEU B 219 27.58 3.13 -2.66
N ARG B 220 27.37 1.82 -2.53
CA ARG B 220 26.48 1.31 -1.48
C ARG B 220 27.00 1.69 -0.10
N GLU B 221 28.32 1.66 0.09
CA GLU B 221 28.89 2.02 1.39
C GLU B 221 28.53 3.46 1.77
N ARG B 222 28.55 4.37 0.80
CA ARG B 222 28.28 5.77 1.14
C ARG B 222 26.80 6.00 1.39
N VAL B 223 25.92 5.34 0.63
CA VAL B 223 24.49 5.42 0.90
C VAL B 223 24.20 4.97 2.32
N LEU B 224 24.77 3.83 2.72
CA LEU B 224 24.51 3.29 4.06
C LEU B 224 25.02 4.22 5.15
N ARG B 225 26.18 4.86 4.94
CA ARG B 225 26.66 5.84 5.92
C ARG B 225 25.76 7.07 5.95
N GLY B 226 25.18 7.43 4.80
CA GLY B 226 24.22 8.52 4.73
C GLY B 226 24.82 9.90 4.76
N LYS B 227 26.14 10.03 4.59
CA LYS B 227 26.77 11.34 4.66
C LYS B 227 27.07 11.86 3.26
N TYR B 228 26.99 13.18 3.12
CA TYR B 228 27.15 13.84 1.84
C TYR B 228 27.73 15.22 2.08
N ARG B 229 28.39 15.75 1.06
CA ARG B 229 29.06 17.03 1.20
C ARG B 229 28.05 18.18 1.10
N ILE B 230 28.14 19.12 2.03
CA ILE B 230 27.31 20.33 2.02
C ILE B 230 28.12 21.45 1.40
N PRO B 231 27.81 21.92 0.18
CA PRO B 231 28.61 22.97 -0.45
C PRO B 231 28.31 24.34 0.14
N PHE B 232 29.27 25.27 -0.06
CA PHE B 232 29.15 26.60 0.52
C PHE B 232 27.86 27.31 0.10
N TYR B 233 27.33 27.00 -1.08
CA TYR B 233 26.15 27.68 -1.60
C TYR B 233 24.84 27.04 -1.15
N MET B 234 24.89 25.91 -0.48
CA MET B 234 23.68 25.32 0.09
C MET B 234 23.34 25.98 1.41
N SER B 235 22.13 26.55 1.52
CA SER B 235 21.71 27.21 2.75
C SER B 235 21.45 26.20 3.86
N THR B 236 21.43 26.70 5.11
CA THR B 236 21.10 25.81 6.21
C THR B 236 19.64 25.33 6.11
N ASP B 237 18.74 26.19 5.63
CA ASP B 237 17.35 25.76 5.40
C ASP B 237 17.29 24.63 4.37
N CYS B 238 18.12 24.71 3.33
CA CYS B 238 18.16 23.60 2.38
C CYS B 238 18.79 22.36 3.00
N GLU B 239 19.86 22.53 3.78
CA GLU B 239 20.44 21.36 4.42
C GLU B 239 19.47 20.75 5.42
N ASN B 240 18.69 21.58 6.12
CA ASN B 240 17.66 21.07 7.01
C ASN B 240 16.63 20.24 6.26
N LEU B 241 16.21 20.71 5.08
CA LEU B 241 15.22 19.98 4.31
C LEU B 241 15.77 18.63 3.87
N LEU B 242 17.01 18.61 3.39
CA LEU B 242 17.65 17.37 2.99
C LEU B 242 17.60 16.34 4.11
N LYS B 243 17.83 16.76 5.35
CA LYS B 243 17.80 15.85 6.49
C LYS B 243 16.45 15.19 6.69
N ARG B 244 15.38 15.74 6.11
CA ARG B 244 14.07 15.14 6.27
C ARG B 244 13.83 14.00 5.28
N PHE B 245 14.54 13.98 4.15
CA PHE B 245 14.47 12.87 3.21
C PHE B 245 15.53 11.82 3.47
N LEU B 246 16.77 12.27 3.69
CA LEU B 246 17.92 11.38 3.67
C LEU B 246 18.20 10.82 5.06
N VAL B 247 17.21 10.08 5.57
CA VAL B 247 17.28 9.40 6.86
C VAL B 247 17.44 7.90 6.59
N LEU B 248 18.41 7.28 7.27
CA LEU B 248 18.63 5.85 7.07
C LEU B 248 17.42 5.04 7.54
N ASN B 249 16.92 5.34 8.73
CA ASN B 249 15.73 4.69 9.27
C ASN B 249 14.50 5.14 8.51
N PRO B 250 13.84 4.26 7.73
CA PRO B 250 12.75 4.73 6.87
C PRO B 250 11.57 5.31 7.65
N ILE B 251 11.33 4.82 8.86
CA ILE B 251 10.19 5.29 9.65
C ILE B 251 10.40 6.71 10.12
N LYS B 252 11.65 7.15 10.23
CA LYS B 252 11.95 8.50 10.69
C LYS B 252 12.02 9.52 9.55
N ARG B 253 11.93 9.08 8.30
CA ARG B 253 11.88 10.03 7.20
C ARG B 253 10.60 10.85 7.27
N GLY B 254 10.68 12.11 6.86
CA GLY B 254 9.47 12.91 6.79
C GLY B 254 8.47 12.31 5.83
N THR B 255 7.19 12.59 6.09
CA THR B 255 6.16 12.29 5.11
C THR B 255 6.01 13.50 4.19
N LEU B 256 5.46 13.25 2.99
CA LEU B 256 5.36 14.33 2.01
C LEU B 256 4.39 15.41 2.46
N GLU B 257 3.25 15.01 3.04
CA GLU B 257 2.35 16.00 3.62
C GLU B 257 3.06 16.88 4.64
N GLN B 258 3.98 16.30 5.41
CA GLN B 258 4.75 17.10 6.37
C GLN B 258 5.81 17.93 5.66
N ILE B 259 6.55 17.32 4.72
CA ILE B 259 7.61 18.04 4.02
C ILE B 259 7.05 19.22 3.22
N MET B 260 5.78 19.13 2.76
CA MET B 260 5.18 20.24 2.01
C MET B 260 5.13 21.53 2.80
N LYS B 261 5.17 21.46 4.13
CA LYS B 261 5.14 22.63 5.00
C LYS B 261 6.53 23.14 5.37
N ASP B 262 7.58 22.53 4.83
CA ASP B 262 8.93 22.92 5.17
C ASP B 262 9.21 24.37 4.79
N ARG B 263 10.03 25.02 5.62
CA ARG B 263 10.33 26.44 5.40
C ARG B 263 11.02 26.68 4.06
N TRP B 264 12.07 25.91 3.75
CA TRP B 264 12.77 26.12 2.49
C TRP B 264 11.83 25.89 1.31
N ILE B 265 10.94 24.90 1.41
CA ILE B 265 10.04 24.59 0.31
C ILE B 265 9.15 25.78 -0.02
N ASN B 266 8.73 26.52 1.00
CA ASN B 266 7.74 27.59 0.82
C ASN B 266 8.34 28.98 0.88
N ALA B 267 9.68 29.09 0.90
CA ALA B 267 10.30 30.40 0.87
C ALA B 267 9.93 31.13 -0.43
N GLY B 268 9.54 32.39 -0.31
CA GLY B 268 9.02 33.11 -1.45
C GLY B 268 7.59 32.76 -1.82
N HIS B 269 6.96 31.83 -1.09
CA HIS B 269 5.60 31.38 -1.33
C HIS B 269 4.78 31.50 -0.05
N GLU B 270 4.96 32.62 0.66
CA GLU B 270 4.40 32.75 2.00
C GLU B 270 2.88 32.72 1.98
N GLU B 271 2.26 33.26 0.93
CA GLU B 271 0.81 33.19 0.76
C GLU B 271 0.42 32.16 -0.29
N ASP B 272 1.23 31.11 -0.45
CA ASP B 272 1.04 30.14 -1.51
C ASP B 272 1.69 28.81 -1.09
N GLU B 273 1.46 28.41 0.15
CA GLU B 273 2.08 27.20 0.70
C GLU B 273 1.78 26.00 -0.18
N LEU B 274 2.79 25.15 -0.38
CA LEU B 274 2.60 23.91 -1.13
C LEU B 274 1.58 23.02 -0.42
N LYS B 275 0.58 22.58 -1.16
CA LYS B 275 -0.52 21.78 -0.66
C LYS B 275 -0.74 20.59 -1.57
N PRO B 276 -1.41 19.54 -1.09
CA PRO B 276 -1.78 18.42 -1.97
C PRO B 276 -2.57 18.90 -3.18
N PHE B 277 -2.15 18.43 -4.36
CA PHE B 277 -2.79 18.77 -5.62
C PHE B 277 -4.21 18.23 -5.68
N VAL B 278 -5.12 19.01 -6.27
CA VAL B 278 -6.49 18.61 -6.52
C VAL B 278 -6.74 18.72 -8.02
N GLU B 279 -7.27 17.66 -8.62
CA GLU B 279 -7.45 17.65 -10.07
C GLU B 279 -8.47 18.69 -10.50
N PRO B 280 -8.28 19.33 -11.64
CA PRO B 280 -9.33 20.21 -12.19
C PRO B 280 -10.56 19.42 -12.57
N GLU B 281 -11.70 20.10 -12.60
CA GLU B 281 -12.92 19.45 -13.09
C GLU B 281 -12.77 19.22 -14.59
N LEU B 282 -13.11 18.02 -15.04
CA LEU B 282 -12.91 17.68 -16.44
C LEU B 282 -14.01 18.32 -17.28
N ASP B 283 -13.61 18.92 -18.39
CA ASP B 283 -14.52 19.56 -19.33
C ASP B 283 -14.54 18.69 -20.59
N ILE B 284 -15.62 17.93 -20.77
CA ILE B 284 -15.76 17.08 -21.94
C ILE B 284 -16.84 17.59 -22.88
N SER B 285 -17.25 18.85 -22.74
CA SER B 285 -18.29 19.39 -23.60
C SER B 285 -17.87 20.71 -24.21
N ASP B 286 -16.58 20.85 -24.52
CA ASP B 286 -16.09 22.00 -25.29
C ASP B 286 -16.51 21.79 -26.74
N GLN B 287 -17.60 22.47 -27.16
CA GLN B 287 -18.15 22.27 -28.49
C GLN B 287 -17.20 22.76 -29.59
N LYS B 288 -16.30 23.69 -29.30
CA LYS B 288 -15.30 24.11 -30.28
C LYS B 288 -14.42 22.93 -30.69
N ARG B 289 -13.90 22.19 -29.71
CA ARG B 289 -13.10 21.01 -30.04
C ARG B 289 -13.97 19.92 -30.65
N ILE B 290 -15.19 19.76 -30.14
CA ILE B 290 -16.08 18.74 -30.70
C ILE B 290 -16.40 19.06 -32.17
N ASP B 291 -16.65 20.33 -32.46
CA ASP B 291 -16.90 20.76 -33.85
C ASP B 291 -15.73 20.39 -34.76
N ILE B 292 -14.50 20.62 -34.30
CA ILE B 292 -13.33 20.26 -35.10
C ILE B 292 -13.32 18.77 -35.37
N MET B 293 -13.64 17.96 -34.35
CA MET B 293 -13.58 16.51 -34.48
C MET B 293 -14.70 15.99 -35.38
N VAL B 294 -15.86 16.64 -35.38
CA VAL B 294 -16.87 16.32 -36.38
C VAL B 294 -16.34 16.60 -37.78
N GLY B 295 -15.58 17.68 -37.94
CA GLY B 295 -14.96 17.96 -39.23
C GLY B 295 -13.94 16.92 -39.64
N MET B 296 -13.31 16.26 -38.67
CA MET B 296 -12.37 15.18 -38.95
C MET B 296 -13.05 13.87 -39.32
N GLY B 297 -14.36 13.78 -39.14
CA GLY B 297 -15.12 12.62 -39.57
C GLY B 297 -15.71 11.80 -38.45
N TYR B 298 -15.51 12.17 -37.19
CA TYR B 298 -16.17 11.49 -36.08
C TYR B 298 -17.58 12.06 -35.91
N SER B 299 -18.52 11.19 -35.55
CA SER B 299 -19.88 11.68 -35.33
C SER B 299 -20.02 12.27 -33.92
N GLN B 300 -21.00 13.16 -33.79
CA GLN B 300 -21.30 13.74 -32.48
C GLN B 300 -21.58 12.67 -31.44
N GLU B 301 -22.34 11.63 -31.80
CA GLU B 301 -22.72 10.61 -30.84
C GLU B 301 -21.50 9.83 -30.37
N GLU B 302 -20.66 9.41 -31.31
CA GLU B 302 -19.39 8.76 -31.00
C GLU B 302 -18.54 9.57 -30.05
N ILE B 303 -18.41 10.86 -30.34
CA ILE B 303 -17.55 11.72 -29.52
C ILE B 303 -18.07 11.77 -28.09
N GLN B 304 -19.39 11.95 -27.94
CA GLN B 304 -19.98 12.06 -26.61
C GLN B 304 -19.82 10.76 -25.84
N GLU B 305 -19.92 9.63 -26.52
CA GLU B 305 -19.76 8.34 -25.84
C GLU B 305 -18.31 8.12 -25.42
N SER B 306 -17.36 8.38 -26.32
CA SER B 306 -15.95 8.18 -26.01
C SER B 306 -15.53 9.04 -24.82
N LEU B 307 -15.93 10.32 -24.83
CA LEU B 307 -15.57 11.22 -23.74
C LEU B 307 -16.25 10.81 -22.44
N SER B 308 -17.54 10.49 -22.49
CA SER B 308 -18.27 10.18 -21.26
C SER B 308 -17.74 8.91 -20.60
N LYS B 309 -17.34 7.91 -21.39
CA LYS B 309 -16.83 6.66 -20.87
C LYS B 309 -15.32 6.68 -20.71
N MET B 310 -14.68 7.81 -21.04
CA MET B 310 -13.23 8.02 -21.06
C MET B 310 -12.51 6.81 -21.63
N LYS B 311 -12.72 6.56 -22.92
CA LYS B 311 -12.27 5.32 -23.51
C LYS B 311 -10.78 5.27 -23.79
N TYR B 312 -10.06 6.39 -23.71
CA TYR B 312 -8.65 6.42 -24.13
C TYR B 312 -8.49 5.85 -25.53
N ASP B 313 -9.41 6.24 -26.42
CA ASP B 313 -9.42 5.81 -27.81
C ASP B 313 -8.97 6.97 -28.69
N GLU B 314 -9.10 6.80 -29.99
CA GLU B 314 -8.63 7.84 -30.90
C GLU B 314 -9.37 9.14 -30.71
N ILE B 315 -10.61 9.09 -30.18
CA ILE B 315 -11.43 10.28 -30.04
C ILE B 315 -11.04 11.08 -28.80
N THR B 316 -10.97 10.43 -27.63
CA THR B 316 -10.61 11.17 -26.44
C THR B 316 -9.20 11.73 -26.58
N ALA B 317 -8.32 10.98 -27.24
CA ALA B 317 -6.95 11.48 -27.44
C ALA B 317 -6.96 12.74 -28.27
N THR B 318 -7.71 12.74 -29.37
CA THR B 318 -7.83 13.94 -30.20
C THR B 318 -8.40 15.09 -29.40
N TYR B 319 -9.47 14.84 -28.64
CA TYR B 319 -10.03 15.88 -27.77
C TYR B 319 -8.95 16.48 -26.86
N LEU B 320 -8.18 15.62 -26.19
CA LEU B 320 -7.15 16.13 -25.29
C LEU B 320 -6.07 16.88 -26.05
N LEU B 321 -5.63 16.34 -27.19
CA LEU B 321 -4.54 16.99 -27.94
C LEU B 321 -4.98 18.33 -28.55
N LEU B 322 -6.26 18.47 -28.88
CA LEU B 322 -6.77 19.76 -29.34
C LEU B 322 -6.75 20.82 -28.25
N GLY B 323 -6.69 20.42 -26.99
CA GLY B 323 -6.61 21.37 -25.90
C GLY B 323 -5.22 21.85 -25.54
N ARG B 324 -4.21 21.54 -26.36
CA ARG B 324 -2.82 21.85 -26.05
C ARG B 324 -2.18 22.59 -27.22
N LYS B 325 -1.03 23.23 -26.96
CA LYS B 325 -0.32 24.01 -27.98
C LYS B 325 0.09 23.16 -29.19
N1 X4H C . -9.71 -25.91 19.21
N3 X4H C . -6.69 -18.45 21.38
C4 X4H C . -8.08 -24.12 18.52
C5 X4H C . -8.58 -25.58 18.33
C6 X4H C . -7.77 -22.41 20.29
C7 X4H C . -7.30 -21.52 19.31
C8 X4H C . -6.94 -20.24 19.65
C10 X4H C . -7.51 -20.63 21.94
C13 X4H C . -4.58 -15.66 20.88
C15 X4H C . -2.63 -15.44 19.36
C17 X4H C . -2.03 -17.41 18.01
C20 X4H C . -3.90 -19.47 16.69
C21 X4H C . -3.17 -20.68 16.06
C22 X4H C . -2.82 -21.56 17.27
C24 X4H C . -0.75 -15.36 17.85
C1 X4H C . -10.45 -27.12 18.82
C11 X4H C . -7.86 -21.94 21.60
C12 X4H C . -5.70 -17.64 20.93
C14 X4H C . -3.70 -16.16 19.93
C16 X4H C . -1.83 -16.03 18.46
C18 X4H C . -3.91 -17.48 19.52
C19 X4H C . -3.42 -19.47 18.20
C2 X4H C . -9.35 -25.81 20.65
C23 X4H C . -2.31 -20.55 18.31
C3 X4H C . -8.19 -24.81 20.94
C9 X4H C . -7.05 -19.77 20.95
N2 X4H C . -8.13 -23.71 19.95
N4 X4H C . -5.57 -16.38 21.37
N5 X4H C . -3.09 -18.07 18.61
N6 X4H C . -4.89 -18.20 20.03
N7 X4H C . 0.12 -14.82 17.36
O1 X4H C . -1.32 -17.94 17.17
C1 EDO D . -14.32 -18.93 9.40
O1 EDO D . -13.96 -19.26 8.05
C2 EDO D . -14.81 -20.18 10.09
O2 EDO D . -13.72 -21.09 10.22
C1 EDO E . -2.23 -12.53 41.71
O1 EDO E . -1.48 -13.32 40.77
C2 EDO E . -3.66 -13.02 41.78
O2 EDO E . -4.30 -12.84 40.51
C1 EDO F . 14.04 6.99 27.72
O1 EDO F . 13.99 5.57 27.93
C2 EDO F . 12.61 7.50 27.60
O2 EDO F . 11.97 7.39 28.87
N1 X4H G . 19.62 13.21 -24.12
N3 X4H G . 11.20 12.96 -23.72
C4 X4H G . 17.39 13.66 -25.33
C5 X4H G . 18.95 13.63 -25.36
C6 X4H G . 15.39 12.70 -24.30
C7 X4H G . 14.78 12.03 -23.25
C8 X4H G . 13.41 12.09 -23.04
C10 X4H G . 13.19 13.55 -24.91
C13 X4H G . 8.20 11.37 -22.73
C15 X4H G . 7.82 9.07 -21.83
C17 X4H G . 9.81 7.65 -21.59
C20 X4H G . 12.75 8.53 -20.81
C21 X4H G . 13.72 7.32 -20.88
C22 X4H G . 14.00 7.21 -22.40
C24 X4H G . 7.62 6.83 -20.97
C1 X4H G . 21.09 13.26 -24.12
C11 X4H G . 14.56 13.48 -25.12
C12 X4H G . 10.32 12.04 -23.28
C14 X4H G . 8.63 10.12 -22.32
C16 X4H G . 8.38 7.90 -21.46
C18 X4H G . 10.02 9.90 -22.43
C19 X4H G . 12.05 8.57 -22.22
C2 X4H G . 19.05 11.98 -23.55
C23 X4H G . 12.59 7.37 -23.03
C3 X4H G . 17.54 12.20 -23.28
C9 X4H G . 12.60 12.85 -23.86
N2 X4H G . 16.77 12.63 -24.47
N4 X4H G . 9.00 12.33 -23.18
N5 X4H G . 10.58 8.70 -22.09
N6 X4H G . 10.81 10.84 -22.92
N7 X4H G . 7.01 5.96 -20.57
O1 X4H G . 10.30 6.59 -21.27
C1 EDO H . 17.58 14.80 -11.17
O1 EDO H . 18.22 13.99 -10.18
C2 EDO H . 18.58 15.19 -12.26
O2 EDO H . 19.17 14.00 -12.81
C1 EDO I . -2.03 17.78 -40.33
O1 EDO I . -1.27 16.62 -39.99
C2 EDO I . -1.24 19.02 -39.91
O2 EDO I . -0.97 18.92 -38.50
C1 EDO J . -19.75 0.24 -25.84
O1 EDO J . -18.47 0.25 -26.49
C2 EDO J . -20.00 1.58 -25.19
O2 EDO J . -19.82 2.64 -26.14
#